data_8S0Q
#
_entry.id   8S0Q
#
_cell.length_a   45.738
_cell.length_b   214.335
_cell.length_c   55.766
_cell.angle_alpha   90.00
_cell.angle_beta   97.09
_cell.angle_gamma   90.00
#
_symmetry.space_group_name_H-M   'P 1 21 1'
#
loop_
_entity.id
_entity.type
_entity.pdbx_description
1 polymer 'Tyrosine-protein phosphatase non-receptor type 11'
2 non-polymer (1S,5R)-8-[3-[2,3-bis(chloranyl)phenyl]-1H-pyrrolo[3,2-b]pyridin-6-yl]-8-azabicyclo[3.2.1]octan-3-amine
3 water water
#
_entity_poly.entity_id   1
_entity_poly.type   'polypeptide(L)'
_entity_poly.pdbx_seq_one_letter_code
;HMTSRRWFHPNITGVEAENLLLTRGVDGSFLARPSKSNPGDFTLSVRRNGAVTHIKIQNTGDYYDLYGGEKFATLAELVQ
YYMEHHGQLKEKNGDVIELKYPLNCADPTSERWFHGHLSGKEAEKLLTEKGKHGSFLVRESQSHPGDFVLSVRTGDDKGE
SNDGKSKVTHVMIRCQELKYDVGGGERFDSLTDLVEHYKKNPMVETLGTVLQLKQPLNTTRINAAEIESRVRELSKLAET
TDKVKQGFWEEFETLQQQECKLLYSRKEGQRQENKNKNRYKNILPFDHTRVVLHDGDPNEPVSDYINANIIMPEFETKCN
NSKPKKSYIATQGCLQNTVNDFWRMVFQENSRVIVMTTKEVERGKSKCVKYWPDEYALKEYGVMRVRNVKESAAHDYTLR
ELKLSKVGQGNTERTVWQYHFRTWPDHGVPSDPGGVLDFLEEVHHKQESIMDAGPVVVHCSAGIGRTGTFIVIDILIDII
REKGVDCDIDVPKTIQMVRSQRSGMVQTEAQYRFIYMAVQHYIETLQRRLEHHHHHH
;
_entity_poly.pdbx_strand_id   A,B
#
loop_
_chem_comp.id
_chem_comp.type
_chem_comp.name
_chem_comp.formula
A1H4T non-polymer (1S,5R)-8-[3-[2,3-bis(chloranyl)phenyl]-1H-pyrrolo[3,2-b]pyridin-6-yl]-8-azabicyclo[3.2.1]octan-3-amine 'C20 H20 Cl2 N4'
#
# COMPACT_ATOMS: atom_id res chain seq x y z
N SER A 4 -11.29 5.15 2.76
CA SER A 4 -11.47 6.60 2.77
C SER A 4 -12.88 7.05 3.37
N ARG A 5 -13.97 6.34 2.99
CA ARG A 5 -15.35 6.57 3.49
C ARG A 5 -15.98 5.27 4.00
N ARG A 6 -15.15 4.39 4.55
CA ARG A 6 -15.63 3.13 5.10
C ARG A 6 -16.44 3.38 6.39
N TRP A 7 -16.38 4.58 6.99
CA TRP A 7 -17.14 4.89 8.19
C TRP A 7 -18.64 5.05 7.91
N PHE A 8 -19.11 5.08 6.65
CA PHE A 8 -20.53 5.12 6.35
C PHE A 8 -21.02 3.71 6.12
N HIS A 9 -22.02 3.29 6.89
CA HIS A 9 -22.57 1.94 6.82
C HIS A 9 -23.99 2.08 6.27
N PRO A 10 -24.22 1.76 4.98
CA PRO A 10 -25.55 2.02 4.40
C PRO A 10 -26.72 1.16 4.91
N ASN A 11 -26.43 -0.05 5.42
CA ASN A 11 -27.48 -1.05 5.70
C ASN A 11 -27.57 -1.42 7.20
N ILE A 12 -26.94 -0.66 8.10
CA ILE A 12 -26.89 -1.01 9.53
C ILE A 12 -28.11 -0.39 10.25
N THR A 13 -28.61 -1.05 11.31
CA THR A 13 -29.63 -0.49 12.20
C THR A 13 -28.92 0.25 13.38
N GLY A 14 -29.69 1.03 14.14
CA GLY A 14 -29.16 1.70 15.31
C GLY A 14 -28.57 0.76 16.34
N VAL A 15 -29.24 -0.40 16.58
CA VAL A 15 -28.74 -1.38 17.54
C VAL A 15 -27.50 -2.04 17.07
N GLU A 16 -27.47 -2.41 15.78
CA GLU A 16 -26.24 -2.93 15.18
C GLU A 16 -25.10 -1.90 15.31
N ALA A 17 -25.37 -0.60 15.14
CA ALA A 17 -24.35 0.44 15.28
C ALA A 17 -23.81 0.48 16.71
N GLU A 18 -24.69 0.47 17.73
CA GLU A 18 -24.23 0.37 19.12
C GLU A 18 -23.39 -0.88 19.35
N ASN A 19 -23.88 -2.05 18.91
CA ASN A 19 -23.16 -3.31 19.17
C ASN A 19 -21.80 -3.29 18.46
N LEU A 20 -21.73 -2.71 17.24
CA LEU A 20 -20.46 -2.60 16.54
C LEU A 20 -19.47 -1.70 17.29
N LEU A 21 -19.93 -0.51 17.73
CA LEU A 21 -19.06 0.39 18.46
C LEU A 21 -18.62 -0.18 19.82
N LEU A 22 -19.51 -0.90 20.51
CA LEU A 22 -19.21 -1.41 21.85
C LEU A 22 -18.32 -2.64 21.79
N THR A 23 -18.48 -3.48 20.75
CA THR A 23 -17.68 -4.68 20.61
C THR A 23 -16.43 -4.54 19.75
N ARG A 24 -16.44 -3.74 18.66
CA ARG A 24 -15.30 -3.61 17.76
C ARG A 24 -14.61 -2.23 17.77
N GLY A 25 -15.20 -1.27 18.49
CA GLY A 25 -14.62 0.06 18.64
C GLY A 25 -14.10 0.35 20.03
N VAL A 26 -13.54 1.52 20.18
CA VAL A 26 -13.07 2.07 21.44
C VAL A 26 -13.65 3.49 21.57
N ASP A 27 -13.37 4.18 22.70
CA ASP A 27 -13.71 5.60 22.81
C ASP A 27 -13.05 6.43 21.69
N GLY A 28 -13.86 7.26 21.05
CA GLY A 28 -13.48 7.94 19.82
C GLY A 28 -13.85 7.25 18.53
N SER A 29 -14.28 5.99 18.59
CA SER A 29 -14.80 5.29 17.42
C SER A 29 -16.14 5.90 16.96
N PHE A 30 -16.34 5.94 15.64
CA PHE A 30 -17.56 6.51 15.08
C PHE A 30 -17.89 5.88 13.74
N LEU A 31 -19.17 5.97 13.39
CA LEU A 31 -19.68 5.61 12.09
C LEU A 31 -20.89 6.54 11.77
N ALA A 32 -21.28 6.62 10.49
CA ALA A 32 -22.49 7.32 10.08
C ALA A 32 -23.36 6.30 9.38
N ARG A 33 -24.65 6.50 9.42
CA ARG A 33 -25.59 5.60 8.79
C ARG A 33 -26.87 6.36 8.40
N PRO A 34 -27.62 5.82 7.43
CA PRO A 34 -28.92 6.41 7.11
C PRO A 34 -30.04 6.01 8.05
N SER A 35 -31.10 6.80 8.07
CA SER A 35 -32.41 6.30 8.49
C SER A 35 -33.12 5.95 7.16
N LYS A 36 -33.15 4.65 6.80
CA LYS A 36 -33.42 4.19 5.43
C LYS A 36 -34.91 4.35 5.03
N SER A 37 -35.84 4.19 5.98
CA SER A 37 -37.22 4.62 5.75
C SER A 37 -37.32 6.15 5.42
N ASN A 38 -36.72 7.02 6.28
CA ASN A 38 -37.00 8.47 6.26
C ASN A 38 -36.00 9.27 5.42
N PRO A 39 -36.48 10.20 4.56
CA PRO A 39 -35.58 10.78 3.55
C PRO A 39 -34.63 11.82 4.14
N GLY A 40 -33.33 11.66 3.87
CA GLY A 40 -32.35 12.66 4.28
C GLY A 40 -32.29 12.82 5.78
N ASP A 41 -32.35 11.69 6.47
CA ASP A 41 -32.01 11.63 7.89
C ASP A 41 -30.81 10.68 7.93
N PHE A 42 -29.78 11.12 8.65
CA PHE A 42 -28.58 10.31 8.93
C PHE A 42 -28.29 10.41 10.40
N THR A 43 -27.48 9.49 10.89
CA THR A 43 -27.07 9.52 12.27
C THR A 43 -25.57 9.36 12.29
N LEU A 44 -24.91 10.17 13.08
CA LEU A 44 -23.51 9.98 13.45
C LEU A 44 -23.51 9.31 14.84
N SER A 45 -23.04 8.07 14.87
CA SER A 45 -22.92 7.29 16.11
C SER A 45 -21.50 7.30 16.60
N VAL A 46 -21.29 7.72 17.88
CA VAL A 46 -19.95 7.94 18.43
C VAL A 46 -19.83 7.25 19.79
N ARG A 47 -18.77 6.48 19.98
CA ARG A 47 -18.43 5.93 21.30
C ARG A 47 -17.64 6.95 22.12
N ARG A 48 -18.09 7.20 23.37
CA ARG A 48 -17.37 8.06 24.31
C ARG A 48 -17.69 7.59 25.75
N ASN A 49 -16.66 7.55 26.63
CA ASN A 49 -16.75 6.99 28.00
C ASN A 49 -17.41 5.58 28.05
N GLY A 50 -17.15 4.72 27.09
CA GLY A 50 -17.74 3.40 27.03
C GLY A 50 -19.22 3.33 26.73
N ALA A 51 -19.85 4.48 26.35
CA ALA A 51 -21.26 4.48 25.91
C ALA A 51 -21.36 5.09 24.46
N VAL A 52 -22.48 4.85 23.78
CA VAL A 52 -22.65 5.27 22.39
C VAL A 52 -23.68 6.42 22.32
N THR A 53 -23.27 7.57 21.73
CA THR A 53 -24.14 8.72 21.42
C THR A 53 -24.57 8.68 19.96
N HIS A 54 -25.82 9.07 19.69
CA HIS A 54 -26.32 9.16 18.33
C HIS A 54 -26.67 10.62 18.09
N ILE A 55 -26.07 11.25 17.05
CA ILE A 55 -26.28 12.65 16.66
C ILE A 55 -26.96 12.72 15.31
N LYS A 56 -28.06 13.48 15.21
CA LYS A 56 -28.87 13.49 14.00
C LYS A 56 -28.20 14.42 12.98
N ILE A 57 -28.24 14.06 11.73
CA ILE A 57 -27.84 14.93 10.62
C ILE A 57 -29.05 14.94 9.74
N GLN A 58 -29.58 16.11 9.47
CA GLN A 58 -30.72 16.26 8.59
C GLN A 58 -30.29 16.87 7.27
N ASN A 59 -30.89 16.44 6.19
CA ASN A 59 -30.73 17.08 4.92
C ASN A 59 -32.08 17.19 4.26
N THR A 60 -32.65 18.39 4.27
CA THR A 60 -33.90 18.64 3.55
C THR A 60 -33.71 18.99 2.07
N GLY A 61 -32.48 19.07 1.59
CA GLY A 61 -32.21 19.38 0.19
C GLY A 61 -31.15 20.44 -0.02
N ASP A 62 -30.80 21.19 1.01
CA ASP A 62 -29.87 22.33 0.87
C ASP A 62 -28.49 22.16 1.43
N TYR A 63 -28.36 21.31 2.43
CA TYR A 63 -27.09 21.09 3.15
C TYR A 63 -27.33 20.01 4.23
N TYR A 64 -26.24 19.42 4.71
CA TYR A 64 -26.29 18.50 5.86
C TYR A 64 -26.19 19.32 7.09
N ASP A 65 -27.17 19.19 7.95
CA ASP A 65 -27.25 19.98 9.16
C ASP A 65 -27.04 19.05 10.36
N LEU A 66 -25.86 19.12 10.95
CA LEU A 66 -25.50 18.27 12.06
C LEU A 66 -26.05 18.90 13.33
N TYR A 67 -26.89 18.17 14.05
CA TYR A 67 -27.49 18.70 15.29
C TYR A 67 -26.37 19.13 16.30
N GLY A 68 -26.44 20.37 16.78
CA GLY A 68 -25.45 20.92 17.69
C GLY A 68 -24.08 21.16 17.09
N GLY A 69 -24.00 21.14 15.76
CA GLY A 69 -22.78 21.39 15.02
C GLY A 69 -23.08 22.36 13.91
N GLU A 70 -22.37 22.19 12.83
CA GLU A 70 -22.40 23.08 11.70
C GLU A 70 -23.08 22.41 10.50
N LYS A 71 -23.18 23.17 9.39
CA LYS A 71 -23.76 22.73 8.15
C LYS A 71 -22.65 22.43 7.15
N PHE A 72 -22.84 21.36 6.39
CA PHE A 72 -21.80 20.82 5.54
C PHE A 72 -22.33 20.49 4.19
N ALA A 73 -21.46 20.49 3.17
CA ALA A 73 -21.87 20.12 1.81
C ALA A 73 -21.90 18.60 1.56
N THR A 74 -21.06 17.81 2.25
CA THR A 74 -21.04 16.34 2.14
C THR A 74 -20.71 15.73 3.49
N LEU A 75 -21.11 14.48 3.72
CA LEU A 75 -20.71 13.80 4.96
C LEU A 75 -19.19 13.64 5.04
N ALA A 76 -18.52 13.44 3.90
CA ALA A 76 -17.03 13.34 3.92
C ALA A 76 -16.38 14.65 4.36
N GLU A 77 -16.92 15.80 3.90
CA GLU A 77 -16.40 17.08 4.38
C GLU A 77 -16.72 17.34 5.84
N LEU A 78 -17.89 16.86 6.33
CA LEU A 78 -18.25 16.88 7.73
C LEU A 78 -17.21 16.09 8.56
N VAL A 79 -16.94 14.84 8.16
CA VAL A 79 -16.03 13.99 8.93
C VAL A 79 -14.62 14.58 8.89
N GLN A 80 -14.14 15.00 7.70
CA GLN A 80 -12.84 15.67 7.60
C GLN A 80 -12.72 16.86 8.54
N TYR A 81 -13.77 17.69 8.65
CA TYR A 81 -13.74 18.88 9.48
C TYR A 81 -13.55 18.53 10.96
N TYR A 82 -14.36 17.64 11.53
CA TYR A 82 -14.23 17.26 12.94
C TYR A 82 -13.07 16.32 13.25
N MET A 83 -12.63 15.51 12.30
CA MET A 83 -11.40 14.76 12.49
C MET A 83 -10.14 15.64 12.46
N GLU A 84 -10.23 16.92 12.04
CA GLU A 84 -9.12 17.88 12.13
C GLU A 84 -9.43 19.08 13.06
N HIS A 85 -10.57 19.09 13.78
CA HIS A 85 -11.01 20.15 14.70
C HIS A 85 -11.61 19.52 15.99
N GLN A 88 -14.73 20.86 18.75
CA GLN A 88 -15.70 21.53 17.90
C GLN A 88 -17.07 20.82 17.88
N LEU A 89 -17.11 19.48 18.04
CA LEU A 89 -18.37 18.77 18.12
C LEU A 89 -18.84 18.59 19.57
N LYS A 90 -20.09 18.92 19.88
CA LYS A 90 -20.59 18.88 21.27
C LYS A 90 -21.98 18.23 21.39
N GLU A 91 -22.27 17.72 22.60
CA GLU A 91 -23.57 17.18 23.01
C GLU A 91 -24.54 18.34 23.27
N LYS A 92 -25.85 18.03 23.46
CA LYS A 92 -26.86 18.97 24.00
C LYS A 92 -26.34 19.73 25.24
N ASN A 93 -25.82 19.00 26.27
CA ASN A 93 -25.20 19.60 27.45
C ASN A 93 -23.83 20.27 27.19
N GLY A 94 -23.34 20.27 25.95
CA GLY A 94 -22.17 21.02 25.58
C GLY A 94 -20.84 20.30 25.73
N ASP A 95 -20.85 18.99 26.10
CA ASP A 95 -19.60 18.24 26.26
C ASP A 95 -19.00 17.89 24.88
N VAL A 96 -17.67 18.07 24.70
CA VAL A 96 -16.94 17.70 23.46
C VAL A 96 -17.02 16.18 23.18
N ILE A 97 -17.47 15.86 21.95
CA ILE A 97 -17.53 14.53 21.38
C ILE A 97 -16.40 14.51 20.35
N GLU A 98 -15.46 13.59 20.52
CA GLU A 98 -14.29 13.46 19.63
C GLU A 98 -14.51 12.37 18.61
N LEU A 99 -14.25 12.67 17.31
CA LEU A 99 -14.33 11.69 16.24
C LEU A 99 -12.87 11.32 15.99
N LYS A 100 -12.43 10.18 16.49
CA LYS A 100 -11.02 9.77 16.39
C LYS A 100 -10.80 8.63 15.40
N TYR A 101 -11.63 7.59 15.47
CA TYR A 101 -11.36 6.32 14.82
C TYR A 101 -12.50 5.90 14.00
N PRO A 102 -12.46 6.07 12.66
CA PRO A 102 -13.57 5.54 11.85
C PRO A 102 -13.73 4.04 12.03
N LEU A 103 -14.96 3.58 12.17
CA LEU A 103 -15.25 2.16 12.33
C LEU A 103 -15.64 1.69 10.95
N ASN A 104 -14.77 0.92 10.29
CA ASN A 104 -14.91 0.62 8.88
C ASN A 104 -15.96 -0.43 8.57
N CYS A 105 -16.71 -0.18 7.53
CA CYS A 105 -17.77 -1.02 7.00
C CYS A 105 -17.11 -2.09 6.15
N ALA A 106 -17.62 -3.30 6.18
CA ALA A 106 -17.17 -4.36 5.27
C ALA A 106 -18.16 -4.67 4.13
N ASP A 107 -19.35 -4.03 4.16
CA ASP A 107 -20.47 -4.27 3.24
C ASP A 107 -20.10 -3.76 1.83
N PRO A 108 -20.07 -4.65 0.81
CA PRO A 108 -19.65 -4.22 -0.53
C PRO A 108 -20.75 -3.55 -1.38
N THR A 109 -21.99 -3.44 -0.89
CA THR A 109 -23.13 -3.03 -1.75
C THR A 109 -22.96 -1.66 -2.37
N SER A 110 -22.24 -0.71 -1.75
CA SER A 110 -22.06 0.64 -2.32
C SER A 110 -20.82 0.83 -3.18
N GLU A 111 -20.14 -0.29 -3.51
CA GLU A 111 -18.98 -0.24 -4.33
C GLU A 111 -19.42 -0.29 -5.76
N ARG A 112 -18.74 0.48 -6.62
CA ARG A 112 -19.07 0.53 -8.05
C ARG A 112 -18.95 -0.84 -8.73
N TRP A 113 -17.99 -1.65 -8.26
CA TRP A 113 -17.67 -2.94 -8.88
C TRP A 113 -18.54 -4.10 -8.35
N PHE A 114 -19.38 -3.89 -7.32
CA PHE A 114 -20.18 -4.97 -6.76
C PHE A 114 -21.58 -5.15 -7.37
N HIS A 115 -21.81 -6.27 -8.08
CA HIS A 115 -23.07 -6.55 -8.75
C HIS A 115 -24.00 -7.53 -8.03
N GLY A 116 -23.56 -8.15 -6.96
CA GLY A 116 -24.42 -9.01 -6.17
C GLY A 116 -24.87 -10.22 -6.95
N HIS A 117 -26.19 -10.45 -7.03
CA HIS A 117 -26.69 -11.58 -7.82
C HIS A 117 -26.51 -11.26 -9.31
N LEU A 118 -25.67 -12.04 -9.96
CA LEU A 118 -25.41 -11.89 -11.39
C LEU A 118 -24.74 -13.22 -11.86
N SER A 119 -25.26 -13.83 -12.92
CA SER A 119 -24.68 -15.07 -13.44
C SER A 119 -23.43 -14.78 -14.29
N GLY A 120 -22.65 -15.83 -14.51
CA GLY A 120 -21.43 -15.76 -15.30
C GLY A 120 -21.64 -15.40 -16.75
N LYS A 121 -22.80 -15.79 -17.30
CA LYS A 121 -23.09 -15.50 -18.70
C LYS A 121 -23.52 -14.03 -18.78
N GLU A 122 -24.40 -13.56 -17.87
CA GLU A 122 -24.75 -12.14 -17.77
C GLU A 122 -23.49 -11.24 -17.57
N ALA A 123 -22.58 -11.60 -16.64
CA ALA A 123 -21.35 -10.86 -16.43
C ALA A 123 -20.49 -10.82 -17.68
N GLU A 124 -20.41 -11.94 -18.44
CA GLU A 124 -19.68 -11.98 -19.70
C GLU A 124 -20.34 -11.10 -20.76
N LYS A 125 -21.67 -11.08 -20.80
CA LYS A 125 -22.37 -10.29 -21.81
C LYS A 125 -22.17 -8.81 -21.52
N LEU A 126 -22.33 -8.39 -20.25
CA LEU A 126 -22.13 -7.00 -19.85
C LEU A 126 -20.68 -6.59 -20.13
N LEU A 127 -19.68 -7.40 -19.71
CA LEU A 127 -18.28 -7.07 -19.97
C LEU A 127 -17.95 -7.04 -21.45
N THR A 128 -18.60 -7.88 -22.24
CA THR A 128 -18.41 -7.90 -23.69
C THR A 128 -18.95 -6.63 -24.35
N GLU A 129 -20.16 -6.21 -23.97
CA GLU A 129 -20.84 -5.07 -24.63
C GLU A 129 -20.34 -3.71 -24.18
N LYS A 130 -20.09 -3.55 -22.88
CA LYS A 130 -19.78 -2.27 -22.25
C LYS A 130 -18.33 -2.16 -21.76
N GLY A 131 -17.67 -3.30 -21.54
CA GLY A 131 -16.32 -3.30 -20.99
C GLY A 131 -15.24 -3.02 -22.01
N LYS A 132 -14.07 -2.69 -21.48
CA LYS A 132 -12.84 -2.56 -22.21
C LYS A 132 -11.73 -3.22 -21.35
N HIS A 133 -10.44 -3.09 -21.75
CA HIS A 133 -9.35 -3.71 -21.02
C HIS A 133 -9.31 -3.21 -19.56
N GLY A 134 -9.21 -4.14 -18.63
CA GLY A 134 -9.20 -3.84 -17.21
C GLY A 134 -10.55 -3.57 -16.55
N SER A 135 -11.66 -3.67 -17.28
CA SER A 135 -12.98 -3.57 -16.67
C SER A 135 -13.27 -4.79 -15.87
N PHE A 136 -13.80 -4.62 -14.65
CA PHE A 136 -14.07 -5.73 -13.76
C PHE A 136 -15.32 -5.52 -12.95
N LEU A 137 -15.76 -6.61 -12.32
CA LEU A 137 -16.89 -6.67 -11.41
C LEU A 137 -16.75 -7.86 -10.47
N VAL A 138 -17.43 -7.80 -9.36
CA VAL A 138 -17.48 -8.87 -8.39
C VAL A 138 -18.96 -9.18 -8.25
N ARG A 139 -19.26 -10.45 -8.29
CA ARG A 139 -20.60 -10.98 -8.21
C ARG A 139 -20.67 -12.16 -7.27
N GLU A 140 -21.84 -12.39 -6.69
CA GLU A 140 -22.10 -13.57 -5.86
C GLU A 140 -21.89 -14.85 -6.67
N SER A 141 -21.31 -15.89 -6.07
CA SER A 141 -21.20 -17.20 -6.73
C SER A 141 -22.56 -17.88 -6.69
N GLN A 142 -22.90 -18.57 -7.80
CA GLN A 142 -24.14 -19.35 -7.87
C GLN A 142 -23.83 -20.86 -7.62
N SER A 143 -22.66 -21.35 -8.06
CA SER A 143 -22.24 -22.73 -7.83
C SER A 143 -21.81 -23.00 -6.38
N HIS A 144 -21.04 -22.09 -5.79
CA HIS A 144 -20.58 -22.19 -4.40
C HIS A 144 -21.21 -21.04 -3.59
N PRO A 145 -22.43 -21.19 -3.02
CA PRO A 145 -23.04 -20.05 -2.29
C PRO A 145 -22.23 -19.56 -1.10
N GLY A 146 -22.26 -18.25 -0.89
CA GLY A 146 -21.42 -17.58 0.10
C GLY A 146 -20.10 -17.07 -0.45
N ASP A 147 -19.62 -17.69 -1.54
CA ASP A 147 -18.43 -17.26 -2.23
C ASP A 147 -18.77 -16.23 -3.32
N PHE A 148 -17.73 -15.67 -3.98
CA PHE A 148 -17.90 -14.61 -4.95
C PHE A 148 -17.04 -14.91 -6.18
N VAL A 149 -17.27 -14.19 -7.27
CA VAL A 149 -16.46 -14.25 -8.47
C VAL A 149 -16.04 -12.85 -8.87
N LEU A 150 -14.74 -12.68 -9.12
CA LEU A 150 -14.19 -11.48 -9.73
C LEU A 150 -14.14 -11.81 -11.22
N SER A 151 -14.87 -11.07 -12.04
CA SER A 151 -14.82 -11.20 -13.51
C SER A 151 -14.16 -9.99 -14.16
N VAL A 152 -13.16 -10.21 -15.01
CA VAL A 152 -12.30 -9.16 -15.53
C VAL A 152 -12.17 -9.33 -17.00
N ARG A 153 -12.29 -8.25 -17.75
CA ARG A 153 -12.02 -8.24 -19.16
C ARG A 153 -10.59 -7.78 -19.37
N THR A 154 -9.86 -8.41 -20.31
CA THR A 154 -8.57 -7.92 -20.77
C THR A 154 -8.49 -8.05 -22.27
N GLY A 155 -7.71 -7.16 -22.90
CA GLY A 155 -7.43 -7.26 -24.33
C GLY A 155 -7.08 -5.99 -25.07
N ASP A 156 -7.25 -6.06 -26.39
CA ASP A 156 -7.03 -4.95 -27.31
C ASP A 156 -8.39 -4.30 -27.57
N ASP A 157 -8.52 -3.01 -27.26
CA ASP A 157 -9.78 -2.29 -27.44
C ASP A 157 -9.99 -1.76 -28.87
N LYS A 158 -8.99 -1.89 -29.77
CA LYS A 158 -9.13 -1.43 -31.14
C LYS A 158 -10.14 -2.28 -31.91
N ASP A 163 -13.11 -10.60 -32.27
CA ASP A 163 -12.18 -11.40 -33.05
C ASP A 163 -11.08 -12.07 -32.18
N GLY A 164 -11.35 -12.29 -30.90
CA GLY A 164 -10.45 -13.05 -30.02
C GLY A 164 -9.29 -12.31 -29.40
N LYS A 165 -9.06 -11.05 -29.80
CA LYS A 165 -8.02 -10.22 -29.20
C LYS A 165 -8.34 -9.80 -27.74
N SER A 166 -9.62 -9.95 -27.28
CA SER A 166 -9.98 -9.76 -25.88
C SER A 166 -10.68 -11.00 -25.29
N LYS A 167 -10.70 -11.09 -23.95
CA LYS A 167 -11.31 -12.19 -23.20
C LYS A 167 -11.82 -11.73 -21.81
N VAL A 168 -12.68 -12.57 -21.18
CA VAL A 168 -13.12 -12.41 -19.79
C VAL A 168 -12.54 -13.58 -18.97
N THR A 169 -11.90 -13.27 -17.81
CA THR A 169 -11.43 -14.27 -16.85
C THR A 169 -12.28 -14.17 -15.59
N HIS A 170 -12.62 -15.33 -15.02
CA HIS A 170 -13.39 -15.46 -13.79
C HIS A 170 -12.50 -16.03 -12.71
N VAL A 171 -12.34 -15.29 -11.61
CA VAL A 171 -11.50 -15.70 -10.51
C VAL A 171 -12.38 -15.93 -9.34
N MET A 172 -12.33 -17.13 -8.78
CA MET A 172 -13.12 -17.51 -7.63
C MET A 172 -12.57 -16.87 -6.39
N ILE A 173 -13.46 -16.29 -5.56
CA ILE A 173 -13.16 -15.67 -4.28
C ILE A 173 -13.88 -16.52 -3.24
N ARG A 174 -13.12 -17.22 -2.37
CA ARG A 174 -13.73 -18.02 -1.30
C ARG A 174 -13.95 -17.15 -0.09
N CYS A 175 -15.07 -17.38 0.60
CA CYS A 175 -15.29 -16.87 1.93
C CYS A 175 -15.10 -18.02 2.88
N GLN A 176 -14.16 -17.84 3.81
CA GLN A 176 -13.77 -18.86 4.77
C GLN A 176 -13.62 -18.12 6.09
N GLU A 177 -14.65 -18.21 6.97
CA GLU A 177 -14.62 -17.63 8.31
C GLU A 177 -14.59 -16.11 8.27
N LEU A 178 -15.41 -15.52 7.41
CA LEU A 178 -15.53 -14.06 7.32
C LEU A 178 -14.39 -13.38 6.57
N LYS A 179 -13.33 -14.14 6.19
CA LYS A 179 -12.26 -13.64 5.38
C LYS A 179 -12.37 -14.17 3.95
N TYR A 180 -11.79 -13.41 3.03
CA TYR A 180 -11.90 -13.62 1.59
C TYR A 180 -10.52 -13.88 0.99
N ASP A 181 -10.43 -14.84 0.07
CA ASP A 181 -9.18 -15.13 -0.63
C ASP A 181 -9.40 -15.65 -2.05
N VAL A 182 -8.38 -15.56 -2.87
CA VAL A 182 -8.41 -16.06 -4.26
C VAL A 182 -7.71 -17.44 -4.41
N GLY A 183 -7.78 -18.26 -3.36
CA GLY A 183 -7.25 -19.63 -3.40
C GLY A 183 -5.89 -19.82 -2.77
N GLY A 184 -5.24 -18.72 -2.44
CA GLY A 184 -3.96 -18.75 -1.76
C GLY A 184 -3.54 -17.36 -1.34
N GLY A 185 -2.51 -17.27 -0.53
CA GLY A 185 -1.92 -16.02 -0.08
C GLY A 185 -2.62 -15.36 1.08
N GLU A 186 -2.87 -14.05 0.97
CA GLU A 186 -3.51 -13.27 2.01
C GLU A 186 -4.99 -13.58 2.11
N ARG A 187 -5.54 -13.45 3.30
CA ARG A 187 -6.97 -13.58 3.54
C ARG A 187 -7.45 -12.20 4.04
N PHE A 188 -8.46 -11.69 3.40
CA PHE A 188 -8.89 -10.30 3.59
C PHE A 188 -10.15 -10.19 4.43
N ASP A 189 -10.26 -9.11 5.21
CA ASP A 189 -11.39 -8.93 6.10
C ASP A 189 -12.67 -8.53 5.39
N SER A 190 -12.58 -8.12 4.11
CA SER A 190 -13.74 -7.76 3.31
C SER A 190 -13.38 -7.85 1.82
N LEU A 191 -14.38 -7.89 0.95
CA LEU A 191 -14.14 -7.89 -0.49
C LEU A 191 -13.41 -6.66 -0.93
N THR A 192 -13.72 -5.49 -0.34
CA THR A 192 -13.05 -4.25 -0.71
C THR A 192 -11.56 -4.31 -0.50
N ASP A 193 -11.13 -4.80 0.66
CA ASP A 193 -9.70 -4.94 0.95
C ASP A 193 -9.03 -5.86 -0.09
N LEU A 194 -9.68 -6.99 -0.41
CA LEU A 194 -9.21 -7.89 -1.45
C LEU A 194 -9.08 -7.18 -2.79
N VAL A 195 -10.12 -6.44 -3.21
CA VAL A 195 -10.14 -5.78 -4.53
C VAL A 195 -9.06 -4.73 -4.56
N GLU A 196 -8.94 -3.93 -3.49
CA GLU A 196 -7.88 -2.93 -3.40
C GLU A 196 -6.50 -3.54 -3.50
N HIS A 197 -6.27 -4.68 -2.81
CA HIS A 197 -4.98 -5.38 -2.87
C HIS A 197 -4.70 -5.80 -4.30
N TYR A 198 -5.65 -6.50 -4.97
CA TYR A 198 -5.37 -7.01 -6.31
C TYR A 198 -5.46 -5.92 -7.36
N LYS A 199 -5.95 -4.71 -7.02
CA LYS A 199 -5.81 -3.52 -7.83
C LYS A 199 -4.34 -3.00 -7.83
N LYS A 200 -3.70 -2.96 -6.63
CA LYS A 200 -2.31 -2.51 -6.53
C LYS A 200 -1.34 -3.60 -7.00
N ASN A 201 -1.70 -4.87 -6.75
CA ASN A 201 -0.81 -6.02 -6.95
C ASN A 201 -1.56 -7.02 -7.85
N PRO A 202 -1.72 -6.73 -9.15
CA PRO A 202 -2.58 -7.59 -9.98
C PRO A 202 -2.14 -9.04 -10.07
N MET A 203 -3.12 -9.94 -10.07
CA MET A 203 -2.91 -11.35 -10.35
C MET A 203 -2.29 -11.54 -11.74
N VAL A 204 -1.36 -12.52 -11.84
CA VAL A 204 -0.76 -12.88 -13.12
C VAL A 204 -1.07 -14.34 -13.38
N GLU A 205 -1.51 -14.61 -14.60
CA GLU A 205 -1.80 -15.97 -15.04
C GLU A 205 -0.48 -16.69 -15.34
N THR A 206 -0.45 -18.05 -15.31
CA THR A 206 0.81 -18.81 -15.54
C THR A 206 1.52 -18.32 -16.83
N LEU A 207 0.73 -18.21 -17.94
CA LEU A 207 1.24 -17.81 -19.24
C LEU A 207 1.33 -16.29 -19.46
N GLY A 208 1.16 -15.50 -18.40
CA GLY A 208 1.66 -14.14 -18.37
C GLY A 208 0.65 -13.01 -18.35
N THR A 209 -0.63 -13.28 -18.69
CA THR A 209 -1.63 -12.22 -18.71
C THR A 209 -1.81 -11.62 -17.30
N VAL A 210 -1.82 -10.28 -17.24
CA VAL A 210 -1.98 -9.54 -16.01
C VAL A 210 -3.44 -9.19 -15.92
N LEU A 211 -4.08 -9.60 -14.85
CA LEU A 211 -5.50 -9.34 -14.64
C LEU A 211 -5.61 -7.99 -13.96
N GLN A 212 -5.48 -6.97 -14.77
CA GLN A 212 -5.43 -5.56 -14.37
C GLN A 212 -6.83 -5.14 -14.03
N LEU A 213 -7.05 -4.68 -12.77
CA LEU A 213 -8.32 -4.13 -12.35
C LEU A 213 -8.24 -2.59 -12.48
N LYS A 214 -8.55 -2.07 -13.70
CA LYS A 214 -8.37 -0.65 -14.03
C LYS A 214 -9.62 0.15 -13.71
N GLN A 215 -10.80 -0.28 -14.17
CA GLN A 215 -12.05 0.43 -13.84
C GLN A 215 -13.24 -0.50 -13.64
N PRO A 216 -14.16 -0.18 -12.73
CA PRO A 216 -15.42 -0.93 -12.65
C PRO A 216 -16.16 -0.90 -13.96
N LEU A 217 -17.02 -1.91 -14.18
CA LEU A 217 -17.87 -1.93 -15.37
C LEU A 217 -18.91 -0.86 -15.21
N ASN A 218 -19.12 -0.07 -16.27
CA ASN A 218 -20.10 0.99 -16.23
C ASN A 218 -21.45 0.37 -16.47
N THR A 219 -22.35 0.48 -15.48
CA THR A 219 -23.72 -0.01 -15.58
C THR A 219 -24.76 1.13 -15.60
N THR A 220 -24.34 2.40 -15.63
CA THR A 220 -25.27 3.52 -15.45
C THR A 220 -25.47 4.32 -16.76
N ARG A 221 -24.48 4.29 -17.67
CA ARG A 221 -24.66 4.87 -18.99
C ARG A 221 -25.80 4.12 -19.73
N ILE A 222 -26.81 4.86 -20.15
CA ILE A 222 -27.97 4.33 -20.87
C ILE A 222 -28.17 5.14 -22.12
N ASN A 223 -28.84 4.54 -23.11
CA ASN A 223 -29.35 5.29 -24.22
C ASN A 223 -30.55 6.04 -23.73
N ALA A 224 -30.69 7.32 -24.09
CA ALA A 224 -31.79 8.14 -23.60
C ALA A 224 -33.16 7.56 -23.96
N ALA A 225 -33.28 6.90 -25.11
CA ALA A 225 -34.53 6.26 -25.52
C ALA A 225 -35.02 5.21 -24.51
N GLU A 226 -34.11 4.61 -23.75
CA GLU A 226 -34.45 3.55 -22.81
C GLU A 226 -34.48 4.03 -21.34
N ILE A 227 -34.73 5.36 -21.14
CA ILE A 227 -34.85 6.00 -19.82
C ILE A 227 -36.01 5.40 -19.04
N GLU A 228 -37.20 5.29 -19.66
CA GLU A 228 -38.40 4.81 -18.99
C GLU A 228 -38.17 3.41 -18.42
N SER A 229 -37.44 2.54 -19.16
CA SER A 229 -37.16 1.18 -18.73
C SER A 229 -36.25 1.20 -17.52
N ARG A 230 -35.19 2.05 -17.55
CA ARG A 230 -34.24 2.14 -16.45
C ARG A 230 -34.93 2.65 -15.21
N VAL A 231 -35.79 3.67 -15.35
CA VAL A 231 -36.52 4.25 -14.23
C VAL A 231 -37.45 3.20 -13.62
N ARG A 232 -38.12 2.39 -14.46
CA ARG A 232 -38.94 1.26 -14.03
C ARG A 232 -38.16 0.28 -13.18
N GLU A 233 -36.98 -0.20 -13.65
CA GLU A 233 -36.11 -1.11 -12.88
C GLU A 233 -35.64 -0.43 -11.55
N LEU A 234 -35.18 0.85 -11.62
CA LEU A 234 -34.73 1.59 -10.44
C LEU A 234 -35.84 1.85 -9.43
N SER A 235 -37.10 1.94 -9.87
CA SER A 235 -38.26 2.14 -8.99
C SER A 235 -38.76 0.83 -8.33
N LYS A 236 -38.21 -0.33 -8.70
CA LYS A 236 -38.50 -1.58 -8.00
C LYS A 236 -37.61 -1.64 -6.76
N GLN A 246 -35.13 -0.31 -3.08
CA GLN A 246 -35.56 0.38 -4.30
C GLN A 246 -34.30 0.86 -4.99
N GLY A 247 -34.04 0.39 -6.23
CA GLY A 247 -32.76 0.54 -6.91
C GLY A 247 -32.21 1.95 -7.08
N PHE A 248 -33.07 2.98 -7.03
CA PHE A 248 -32.58 4.37 -6.97
C PHE A 248 -31.68 4.57 -5.75
N TRP A 249 -32.08 3.99 -4.58
CA TRP A 249 -31.28 4.13 -3.36
C TRP A 249 -29.86 3.59 -3.52
N GLU A 250 -29.70 2.34 -4.04
CA GLU A 250 -28.37 1.77 -4.15
C GLU A 250 -27.52 2.52 -5.15
N GLU A 251 -28.13 3.00 -6.24
CA GLU A 251 -27.35 3.74 -7.24
C GLU A 251 -26.85 5.07 -6.63
N PHE A 252 -27.74 5.76 -5.91
CA PHE A 252 -27.37 6.96 -5.21
C PHE A 252 -26.31 6.74 -4.14
N GLU A 253 -26.44 5.69 -3.29
CA GLU A 253 -25.41 5.48 -2.27
C GLU A 253 -24.08 5.05 -2.89
N THR A 254 -24.08 4.38 -4.07
CA THR A 254 -22.81 4.08 -4.77
C THR A 254 -22.16 5.39 -5.24
N LEU A 255 -22.97 6.36 -5.68
CA LEU A 255 -22.45 7.69 -6.01
C LEU A 255 -21.88 8.38 -4.73
N GLN A 256 -22.65 8.40 -3.66
CA GLN A 256 -22.20 9.04 -2.41
C GLN A 256 -20.84 8.48 -1.91
N GLN A 257 -20.59 7.16 -2.09
CA GLN A 257 -19.34 6.56 -1.66
C GLN A 257 -18.12 7.20 -2.27
N GLN A 258 -18.27 7.72 -3.49
CA GLN A 258 -17.14 8.29 -4.20
C GLN A 258 -16.89 9.77 -3.87
N GLU A 259 -17.68 10.38 -2.99
CA GLU A 259 -17.47 11.81 -2.66
C GLU A 259 -16.14 12.00 -1.91
N CYS A 260 -15.55 10.93 -1.31
CA CYS A 260 -14.23 11.00 -0.68
C CYS A 260 -13.14 11.28 -1.69
N LYS A 261 -13.37 11.04 -3.00
CA LYS A 261 -12.40 11.42 -4.02
C LYS A 261 -12.40 12.94 -4.31
N LEU A 262 -13.32 13.71 -3.71
CA LEU A 262 -13.52 15.11 -4.10
C LEU A 262 -13.24 16.05 -2.94
N LEU A 263 -12.32 15.65 -2.02
CA LEU A 263 -11.93 16.53 -0.94
C LEU A 263 -10.86 17.52 -1.36
N TYR A 264 -11.15 18.28 -2.41
CA TYR A 264 -10.24 19.30 -2.91
C TYR A 264 -10.15 20.50 -2.01
N SER A 265 -9.01 21.25 -2.08
CA SER A 265 -8.78 22.34 -1.15
C SER A 265 -9.75 23.50 -1.37
N ARG A 266 -10.07 24.17 -0.29
CA ARG A 266 -10.93 25.32 -0.21
C ARG A 266 -10.25 26.34 0.69
N LYS A 267 -8.90 26.55 0.49
CA LYS A 267 -8.14 27.45 1.33
C LYS A 267 -8.57 28.89 1.23
N GLU A 268 -8.91 29.37 0.03
CA GLU A 268 -9.30 30.78 -0.11
C GLU A 268 -10.53 31.09 0.73
N GLY A 269 -11.55 30.26 0.66
CA GLY A 269 -12.75 30.44 1.47
C GLY A 269 -12.55 30.38 2.98
N GLN A 270 -11.49 29.72 3.41
CA GLN A 270 -11.13 29.58 4.83
C GLN A 270 -10.34 30.78 5.35
N ARG A 271 -9.88 31.72 4.50
CA ARG A 271 -9.12 32.87 4.99
C ARG A 271 -9.91 33.74 5.87
N GLN A 272 -9.28 34.31 6.91
CA GLN A 272 -10.01 35.20 7.85
C GLN A 272 -10.80 36.26 7.12
N GLU A 273 -10.19 36.88 6.10
CA GLU A 273 -10.77 37.99 5.37
C GLU A 273 -12.03 37.60 4.60
N ASN A 274 -12.21 36.30 4.32
CA ASN A 274 -13.31 35.76 3.52
C ASN A 274 -14.38 35.05 4.34
N LYS A 275 -14.13 34.82 5.65
CA LYS A 275 -15.05 34.06 6.50
C LYS A 275 -16.47 34.62 6.44
N ASN A 276 -16.66 35.93 6.51
CA ASN A 276 -18.01 36.48 6.56
C ASN A 276 -18.61 36.69 5.16
N LYS A 277 -17.91 36.25 4.09
CA LYS A 277 -18.44 36.22 2.72
C LYS A 277 -19.17 34.89 2.38
N ASN A 278 -19.25 33.94 3.34
CA ASN A 278 -19.84 32.63 3.18
C ASN A 278 -21.09 32.58 4.02
N ARG A 279 -22.14 32.06 3.45
CA ARG A 279 -23.41 31.88 4.16
C ARG A 279 -23.21 30.89 5.28
N TYR A 280 -22.53 29.80 5.01
CA TYR A 280 -22.16 28.83 6.02
C TYR A 280 -20.66 28.65 6.00
N LYS A 281 -20.03 28.76 7.18
CA LYS A 281 -18.58 28.83 7.27
C LYS A 281 -17.83 27.64 6.61
N ASN A 282 -18.44 26.46 6.60
CA ASN A 282 -17.84 25.25 6.05
C ASN A 282 -18.35 24.82 4.71
N ILE A 283 -19.27 25.57 4.07
CA ILE A 283 -19.67 25.28 2.71
C ILE A 283 -18.92 26.29 1.81
N LEU A 284 -17.91 25.83 1.13
CA LEU A 284 -16.91 26.69 0.50
C LEU A 284 -16.59 26.25 -0.89
N PRO A 285 -16.16 27.20 -1.73
CA PRO A 285 -15.83 26.86 -3.11
C PRO A 285 -14.45 26.22 -3.20
N PHE A 286 -14.29 25.17 -4.02
CA PHE A 286 -12.97 24.67 -4.35
C PHE A 286 -12.08 25.77 -4.96
N ASP A 287 -10.81 25.79 -4.53
CA ASP A 287 -9.86 26.78 -5.05
C ASP A 287 -9.71 26.68 -6.57
N HIS A 288 -9.67 25.47 -7.08
CA HIS A 288 -9.35 25.24 -8.50
C HIS A 288 -10.46 25.62 -9.46
N THR A 289 -11.67 25.81 -8.97
CA THR A 289 -12.78 26.27 -9.80
C THR A 289 -13.47 27.55 -9.35
N ARG A 290 -13.01 28.21 -8.26
CA ARG A 290 -13.70 29.39 -7.75
C ARG A 290 -13.64 30.51 -8.76
N VAL A 291 -14.67 31.34 -8.72
CA VAL A 291 -14.65 32.55 -9.52
C VAL A 291 -13.74 33.54 -8.83
N VAL A 292 -12.66 34.01 -9.52
CA VAL A 292 -11.71 35.01 -8.99
C VAL A 292 -12.14 36.39 -9.46
N LEU A 293 -12.36 37.32 -8.56
CA LEU A 293 -12.81 38.66 -8.93
C LEU A 293 -11.59 39.57 -9.07
N HIS A 294 -11.49 40.23 -10.21
CA HIS A 294 -10.39 41.13 -10.55
C HIS A 294 -10.86 42.57 -10.39
N ASP A 295 -9.93 43.50 -10.42
CA ASP A 295 -10.25 44.94 -10.49
C ASP A 295 -11.08 45.41 -9.30
N GLY A 296 -10.77 44.89 -8.11
CA GLY A 296 -11.41 45.32 -6.88
C GLY A 296 -10.83 46.60 -6.35
N ASP A 297 -11.45 47.12 -5.27
CA ASP A 297 -10.95 48.28 -4.53
C ASP A 297 -9.49 47.95 -4.05
N PRO A 298 -8.45 48.71 -4.48
CA PRO A 298 -7.09 48.42 -3.97
C PRO A 298 -6.95 48.61 -2.46
N ASN A 299 -7.89 49.35 -1.82
CA ASN A 299 -7.91 49.60 -0.39
C ASN A 299 -8.66 48.51 0.38
N GLU A 300 -9.13 47.40 -0.28
CA GLU A 300 -9.56 46.20 0.48
C GLU A 300 -8.45 45.15 0.30
N PRO A 301 -7.83 44.65 1.39
CA PRO A 301 -6.71 43.72 1.21
C PRO A 301 -7.08 42.48 0.37
N VAL A 302 -8.27 41.91 0.63
CA VAL A 302 -8.73 40.74 -0.10
C VAL A 302 -10.07 41.07 -0.76
N SER A 303 -10.05 41.31 -2.08
CA SER A 303 -11.21 41.72 -2.88
C SER A 303 -11.50 40.74 -4.03
N ASP A 304 -10.83 39.57 -4.07
CA ASP A 304 -10.93 38.61 -5.17
C ASP A 304 -11.91 37.44 -4.92
N TYR A 305 -12.59 37.43 -3.79
CA TYR A 305 -13.30 36.24 -3.31
C TYR A 305 -14.82 36.44 -3.38
N ILE A 306 -15.47 35.43 -3.95
CA ILE A 306 -16.90 35.19 -3.84
C ILE A 306 -17.11 33.65 -3.69
N ASN A 307 -18.13 33.27 -2.91
CA ASN A 307 -18.47 31.88 -2.78
C ASN A 307 -19.26 31.43 -4.02
N ALA A 308 -18.50 31.04 -5.06
CA ALA A 308 -19.01 30.69 -6.38
C ALA A 308 -18.00 29.85 -7.09
N ASN A 309 -18.47 28.93 -7.93
CA ASN A 309 -17.62 28.12 -8.77
C ASN A 309 -18.09 28.10 -10.20
N ILE A 310 -17.12 28.12 -11.12
CA ILE A 310 -17.41 27.79 -12.51
C ILE A 310 -17.68 26.30 -12.66
N ILE A 311 -18.81 25.98 -13.33
CA ILE A 311 -19.15 24.63 -13.66
C ILE A 311 -19.12 24.51 -15.21
N MET A 312 -18.17 23.72 -15.68
CA MET A 312 -17.85 23.51 -17.10
C MET A 312 -18.16 22.05 -17.34
N PRO A 313 -19.24 21.73 -18.09
CA PRO A 313 -19.58 20.33 -18.30
C PRO A 313 -18.51 19.59 -19.13
N GLU A 314 -18.33 18.31 -18.80
CA GLU A 314 -17.24 17.36 -19.09
C GLU A 314 -15.87 18.04 -19.00
N PHE A 315 -15.58 18.48 -17.73
CA PHE A 315 -14.30 19.03 -17.33
C PHE A 315 -13.41 17.86 -16.85
N LYS A 325 -20.71 23.66 -25.02
CA LYS A 325 -20.58 25.12 -25.10
C LYS A 325 -21.05 25.83 -23.81
N LYS A 326 -22.22 25.47 -23.25
CA LYS A 326 -22.82 26.32 -22.16
C LYS A 326 -22.10 26.05 -20.84
N SER A 327 -21.70 27.09 -20.10
CA SER A 327 -21.18 26.87 -18.75
C SER A 327 -22.07 27.61 -17.69
N TYR A 328 -21.82 27.35 -16.42
CA TYR A 328 -22.59 27.89 -15.33
C TYR A 328 -21.65 28.47 -14.28
N ILE A 329 -22.19 29.33 -13.47
CA ILE A 329 -21.61 29.66 -12.17
C ILE A 329 -22.63 29.22 -11.13
N ALA A 330 -22.23 28.32 -10.25
CA ALA A 330 -23.04 27.91 -9.13
C ALA A 330 -22.59 28.68 -7.92
N THR A 331 -23.54 29.34 -7.28
CA THR A 331 -23.22 30.20 -6.14
C THR A 331 -24.35 30.20 -5.15
N GLN A 332 -24.05 30.77 -4.00
CA GLN A 332 -24.97 30.91 -2.89
C GLN A 332 -25.91 32.13 -3.08
N GLY A 333 -26.98 32.19 -2.30
CA GLY A 333 -27.74 33.41 -2.13
C GLY A 333 -26.84 34.51 -1.54
N CYS A 334 -27.06 35.78 -1.89
CA CYS A 334 -26.24 36.86 -1.34
C CYS A 334 -26.36 37.00 0.19
N LEU A 335 -25.32 37.48 0.78
CA LEU A 335 -25.37 38.15 2.07
C LEU A 335 -25.39 39.62 1.77
N GLN A 336 -25.86 40.41 2.73
CA GLN A 336 -25.91 41.85 2.57
C GLN A 336 -24.51 42.41 2.20
N ASN A 337 -23.46 41.85 2.75
CA ASN A 337 -22.08 42.28 2.48
C ASN A 337 -21.44 41.62 1.26
N THR A 338 -22.18 40.80 0.51
CA THR A 338 -21.66 40.27 -0.76
C THR A 338 -22.48 40.65 -1.97
N VAL A 339 -23.52 41.47 -1.81
CA VAL A 339 -24.30 41.91 -2.99
C VAL A 339 -23.40 42.63 -4.03
N ASN A 340 -22.52 43.54 -3.56
CA ASN A 340 -21.64 44.25 -4.50
C ASN A 340 -20.73 43.28 -5.24
N ASP A 341 -20.21 42.27 -4.53
CA ASP A 341 -19.39 41.26 -5.16
C ASP A 341 -20.14 40.41 -6.17
N PHE A 342 -21.41 40.07 -5.84
CA PHE A 342 -22.22 39.35 -6.81
C PHE A 342 -22.35 40.12 -8.14
N TRP A 343 -22.65 41.43 -8.08
CA TRP A 343 -22.75 42.21 -9.33
C TRP A 343 -21.40 42.31 -10.02
N ARG A 344 -20.29 42.49 -9.27
CA ARG A 344 -18.96 42.47 -9.88
C ARG A 344 -18.74 41.16 -10.69
N MET A 345 -19.15 40.01 -10.11
CA MET A 345 -19.05 38.71 -10.73
C MET A 345 -19.87 38.66 -12.03
N VAL A 346 -21.14 39.04 -11.99
CA VAL A 346 -22.00 39.02 -13.19
C VAL A 346 -21.39 39.86 -14.29
N PHE A 347 -20.97 41.06 -13.93
CA PHE A 347 -20.35 41.96 -14.91
C PHE A 347 -19.07 41.37 -15.54
N GLN A 348 -18.11 40.95 -14.69
CA GLN A 348 -16.80 40.45 -15.11
C GLN A 348 -16.91 39.22 -16.04
N GLU A 349 -17.81 38.32 -15.66
CA GLU A 349 -18.00 37.08 -16.40
C GLU A 349 -18.90 37.21 -17.60
N ASN A 350 -19.48 38.40 -17.84
CA ASN A 350 -20.40 38.61 -18.93
C ASN A 350 -21.66 37.79 -18.86
N SER A 351 -22.08 37.37 -17.67
CA SER A 351 -23.35 36.62 -17.55
C SER A 351 -24.55 37.51 -17.92
N ARG A 352 -25.47 36.89 -18.67
CA ARG A 352 -26.66 37.54 -19.17
C ARG A 352 -27.95 36.90 -18.64
N VAL A 353 -27.86 35.74 -17.92
CA VAL A 353 -29.00 35.01 -17.39
C VAL A 353 -28.64 34.56 -15.98
N ILE A 354 -29.58 34.82 -15.04
CA ILE A 354 -29.50 34.37 -13.67
C ILE A 354 -30.72 33.49 -13.41
N VAL A 355 -30.50 32.36 -12.83
CA VAL A 355 -31.54 31.53 -12.24
C VAL A 355 -31.48 31.62 -10.71
N MET A 356 -32.58 32.01 -10.04
CA MET A 356 -32.72 31.86 -8.56
C MET A 356 -33.56 30.61 -8.30
N THR A 357 -33.10 29.73 -7.41
CA THR A 357 -33.74 28.44 -7.06
C THR A 357 -34.65 28.49 -5.81
N THR A 358 -34.73 29.62 -5.07
CA THR A 358 -35.60 29.69 -3.89
C THR A 358 -36.40 30.98 -3.92
N LYS A 359 -37.50 31.02 -3.14
CA LYS A 359 -38.11 32.34 -2.82
C LYS A 359 -37.07 33.14 -1.97
N GLU A 360 -37.26 34.42 -1.82
CA GLU A 360 -36.42 35.24 -0.91
C GLU A 360 -36.50 34.68 0.51
N VAL A 361 -37.72 34.28 0.90
CA VAL A 361 -37.99 33.73 2.23
C VAL A 361 -38.78 32.43 2.13
N GLU A 362 -38.33 31.42 2.82
CA GLU A 362 -39.12 30.19 2.99
C GLU A 362 -39.08 29.78 4.45
N ARG A 363 -40.22 29.32 4.95
CA ARG A 363 -40.39 28.92 6.35
C ARG A 363 -40.00 30.08 7.30
N GLY A 364 -40.28 31.30 6.90
CA GLY A 364 -39.91 32.49 7.65
C GLY A 364 -38.42 32.78 7.71
N LYS A 365 -37.59 32.03 6.98
CA LYS A 365 -36.12 32.20 7.02
C LYS A 365 -35.64 32.74 5.68
N SER A 366 -34.61 33.60 5.72
CA SER A 366 -34.05 34.16 4.49
C SER A 366 -33.26 33.08 3.78
N LYS A 367 -33.60 32.85 2.52
CA LYS A 367 -33.04 31.85 1.65
C LYS A 367 -32.34 32.51 0.48
N CYS A 368 -32.83 33.68 0.01
CA CYS A 368 -32.12 34.36 -1.05
C CYS A 368 -32.34 35.84 -0.93
N VAL A 369 -31.38 36.56 -0.31
CA VAL A 369 -31.58 38.00 -0.06
C VAL A 369 -31.73 38.84 -1.34
N LYS A 370 -32.70 39.81 -1.32
CA LYS A 370 -32.99 40.65 -2.49
C LYS A 370 -31.76 41.47 -2.80
N TYR A 371 -31.30 41.38 -4.05
CA TYR A 371 -30.09 42.09 -4.53
C TYR A 371 -30.33 42.90 -5.79
N TRP A 372 -31.58 43.12 -6.14
CA TRP A 372 -31.98 43.79 -7.36
C TRP A 372 -32.96 44.90 -6.97
N PRO A 373 -33.11 45.94 -7.79
CA PRO A 373 -34.04 47.01 -7.42
C PRO A 373 -35.49 46.60 -7.64
N ASP A 374 -36.39 47.29 -6.94
CA ASP A 374 -37.83 47.20 -7.27
C ASP A 374 -38.11 47.50 -8.72
N GLU A 375 -39.21 46.98 -9.27
CA GLU A 375 -39.56 47.25 -10.66
C GLU A 375 -39.58 48.77 -10.99
N TYR A 376 -38.98 49.13 -12.12
CA TYR A 376 -38.76 50.45 -12.66
C TYR A 376 -37.66 51.30 -11.92
N ALA A 377 -37.09 50.82 -10.85
CA ALA A 377 -36.14 51.58 -10.03
C ALA A 377 -34.70 51.29 -10.48
N LEU A 378 -33.79 52.17 -10.07
CA LEU A 378 -32.36 52.08 -10.37
C LEU A 378 -31.63 52.19 -9.03
N LYS A 379 -30.65 51.32 -8.80
CA LYS A 379 -29.83 51.34 -7.61
C LYS A 379 -28.37 51.14 -8.01
N GLU A 380 -27.46 51.67 -7.23
CA GLU A 380 -26.05 51.41 -7.36
C GLU A 380 -25.64 50.43 -6.28
N TYR A 381 -24.85 49.46 -6.66
CA TYR A 381 -24.28 48.44 -5.81
C TYR A 381 -22.77 48.57 -5.98
N GLY A 382 -22.14 49.39 -5.13
CA GLY A 382 -20.76 49.84 -5.33
C GLY A 382 -20.55 50.48 -6.69
N VAL A 383 -19.63 49.94 -7.48
CA VAL A 383 -19.29 50.45 -8.81
C VAL A 383 -20.33 50.04 -9.89
N MET A 384 -21.33 49.18 -9.57
CA MET A 384 -22.29 48.67 -10.54
C MET A 384 -23.62 49.37 -10.37
N ARG A 385 -24.32 49.55 -11.44
CA ARG A 385 -25.62 50.18 -11.51
C ARG A 385 -26.59 49.21 -12.11
N VAL A 386 -27.75 49.02 -11.46
CA VAL A 386 -28.75 48.10 -11.97
C VAL A 386 -30.06 48.86 -12.10
N ARG A 387 -30.67 48.80 -13.25
CA ARG A 387 -32.08 49.16 -13.48
C ARG A 387 -32.96 47.88 -13.61
N ASN A 388 -34.05 47.81 -12.88
CA ASN A 388 -35.10 46.80 -13.12
C ASN A 388 -36.12 47.39 -14.16
N VAL A 389 -36.00 46.97 -15.40
CA VAL A 389 -36.75 47.49 -16.53
C VAL A 389 -38.19 47.03 -16.46
N LYS A 390 -38.42 45.79 -16.11
CA LYS A 390 -39.74 45.17 -16.21
C LYS A 390 -39.72 43.81 -15.57
N GLU A 391 -40.78 43.49 -14.80
CA GLU A 391 -41.06 42.18 -14.26
C GLU A 391 -42.26 41.56 -14.98
N SER A 392 -42.20 40.25 -15.19
CA SER A 392 -43.20 39.49 -15.89
C SER A 392 -43.44 38.24 -15.07
N ALA A 393 -44.66 38.03 -14.60
CA ALA A 393 -44.97 36.84 -13.80
C ALA A 393 -45.52 35.75 -14.68
N ALA A 394 -44.98 34.55 -14.50
CA ALA A 394 -45.48 33.32 -15.05
C ALA A 394 -45.91 32.43 -13.87
N HIS A 395 -46.54 31.25 -14.11
CA HIS A 395 -47.01 30.42 -13.02
C HIS A 395 -45.87 29.97 -12.09
N ASP A 396 -44.78 29.47 -12.67
CA ASP A 396 -43.72 28.88 -11.86
C ASP A 396 -42.60 29.81 -11.50
N TYR A 397 -42.54 31.00 -12.11
CA TYR A 397 -41.39 31.89 -11.96
C TYR A 397 -41.79 33.32 -12.29
N THR A 398 -40.94 34.23 -11.88
CA THR A 398 -40.93 35.63 -12.26
C THR A 398 -39.65 35.95 -13.04
N LEU A 399 -39.82 36.61 -14.16
CA LEU A 399 -38.71 37.12 -14.93
C LEU A 399 -38.54 38.62 -14.63
N ARG A 400 -37.29 39.04 -14.34
CA ARG A 400 -36.96 40.43 -14.19
C ARG A 400 -35.91 40.76 -15.24
N GLU A 401 -36.22 41.76 -16.05
CA GLU A 401 -35.33 42.23 -17.08
C GLU A 401 -34.52 43.34 -16.44
N LEU A 402 -33.23 43.10 -16.21
CA LEU A 402 -32.38 44.02 -15.47
C LEU A 402 -31.37 44.60 -16.47
N LYS A 403 -30.93 45.86 -16.27
CA LYS A 403 -29.85 46.42 -17.05
C LYS A 403 -28.74 46.74 -16.11
N LEU A 404 -27.58 46.15 -16.35
CA LEU A 404 -26.40 46.23 -15.51
C LEU A 404 -25.34 47.05 -16.28
N SER A 405 -24.69 47.99 -15.59
CA SER A 405 -23.62 48.76 -16.18
C SER A 405 -22.68 49.18 -15.08
N LYS A 406 -21.49 49.59 -15.45
CA LYS A 406 -20.56 50.14 -14.55
C LYS A 406 -20.79 51.65 -14.44
N VAL A 407 -20.85 52.13 -13.24
CA VAL A 407 -20.99 53.55 -12.96
C VAL A 407 -19.82 54.33 -13.68
N GLY A 408 -20.15 55.42 -14.33
CA GLY A 408 -19.19 56.22 -15.08
C GLY A 408 -18.96 55.75 -16.50
N GLN A 409 -19.54 54.62 -16.93
CA GLN A 409 -19.26 54.03 -18.22
C GLN A 409 -20.53 53.56 -18.88
N GLY A 410 -21.25 54.50 -19.49
CA GLY A 410 -22.56 54.23 -20.08
C GLY A 410 -22.54 53.10 -21.09
N ASN A 411 -21.45 53.02 -21.88
CA ASN A 411 -21.45 52.07 -22.96
C ASN A 411 -21.20 50.62 -22.47
N THR A 412 -21.10 50.38 -21.13
CA THR A 412 -20.94 49.04 -20.59
C THR A 412 -22.26 48.34 -20.32
N GLU A 413 -23.41 48.99 -20.60
CA GLU A 413 -24.68 48.42 -20.23
C GLU A 413 -24.94 47.12 -20.97
N ARG A 414 -25.53 46.13 -20.27
CA ARG A 414 -26.06 44.91 -20.87
C ARG A 414 -27.29 44.46 -20.09
N THR A 415 -28.17 43.76 -20.77
CA THR A 415 -29.35 43.23 -20.13
C THR A 415 -28.99 41.93 -19.49
N VAL A 416 -29.40 41.77 -18.23
CA VAL A 416 -29.31 40.52 -17.51
C VAL A 416 -30.75 40.05 -17.21
N TRP A 417 -31.08 38.83 -17.64
CA TRP A 417 -32.44 38.31 -17.52
C TRP A 417 -32.46 37.40 -16.32
N GLN A 418 -33.22 37.76 -15.31
CA GLN A 418 -33.26 37.01 -14.05
C GLN A 418 -34.53 36.21 -13.93
N TYR A 419 -34.35 34.94 -13.90
CA TYR A 419 -35.41 33.96 -13.85
C TYR A 419 -35.52 33.46 -12.44
N HIS A 420 -36.55 33.87 -11.75
CA HIS A 420 -36.74 33.55 -10.34
C HIS A 420 -37.76 32.47 -10.13
N PHE A 421 -37.31 31.23 -9.87
CA PHE A 421 -38.20 30.09 -9.68
C PHE A 421 -38.86 30.17 -8.32
N ARG A 422 -40.20 30.08 -8.28
CA ARG A 422 -40.92 30.44 -7.04
C ARG A 422 -41.80 29.30 -6.51
N THR A 423 -41.94 28.15 -7.22
CA THR A 423 -42.82 27.08 -6.81
C THR A 423 -42.16 25.83 -6.31
N TRP A 424 -40.83 25.84 -6.08
CA TRP A 424 -40.14 24.66 -5.59
C TRP A 424 -40.71 24.44 -4.14
N PRO A 425 -41.09 23.23 -3.77
CA PRO A 425 -41.68 23.05 -2.43
C PRO A 425 -40.68 23.34 -1.29
N ASP A 426 -41.20 23.70 -0.13
CA ASP A 426 -40.33 24.01 1.04
C ASP A 426 -39.54 22.81 1.47
N HIS A 427 -40.10 21.60 1.34
CA HIS A 427 -39.30 20.39 1.55
CA HIS A 427 -39.29 20.39 1.54
C HIS A 427 -39.47 19.43 0.37
N GLY A 428 -38.45 18.67 0.13
CA GLY A 428 -38.42 17.70 -0.92
C GLY A 428 -38.28 18.37 -2.27
N VAL A 429 -38.86 17.76 -3.28
CA VAL A 429 -38.69 18.21 -4.69
C VAL A 429 -40.05 18.33 -5.32
N PRO A 430 -40.18 19.03 -6.46
CA PRO A 430 -41.48 19.09 -7.12
C PRO A 430 -42.04 17.71 -7.44
N SER A 431 -43.36 17.53 -7.25
CA SER A 431 -43.95 16.20 -7.57
C SER A 431 -44.02 15.95 -9.09
N ASP A 432 -44.06 17.00 -9.89
CA ASP A 432 -44.01 16.89 -11.33
C ASP A 432 -42.87 17.78 -11.90
N PRO A 433 -42.02 17.25 -12.81
CA PRO A 433 -40.90 18.06 -13.35
C PRO A 433 -41.23 19.04 -14.48
N GLY A 434 -42.48 19.08 -14.92
CA GLY A 434 -42.90 19.95 -16.01
C GLY A 434 -42.57 21.41 -15.86
N GLY A 435 -42.84 21.96 -14.67
CA GLY A 435 -42.55 23.36 -14.40
C GLY A 435 -41.07 23.66 -14.48
N VAL A 436 -40.24 22.80 -13.86
CA VAL A 436 -38.77 22.93 -13.95
C VAL A 436 -38.31 22.87 -15.41
N LEU A 437 -38.84 21.88 -16.17
CA LEU A 437 -38.42 21.68 -17.55
C LEU A 437 -38.82 22.84 -18.47
N ASP A 438 -40.07 23.34 -18.39
CA ASP A 438 -40.52 24.51 -19.14
C ASP A 438 -39.67 25.72 -18.82
N PHE A 439 -39.33 25.89 -17.55
CA PHE A 439 -38.49 27.00 -17.10
C PHE A 439 -37.11 26.90 -17.73
N LEU A 440 -36.45 25.76 -17.59
CA LEU A 440 -35.13 25.54 -18.18
C LEU A 440 -35.13 25.67 -19.69
N GLU A 441 -36.21 25.25 -20.35
CA GLU A 441 -36.33 25.47 -21.80
C GLU A 441 -36.31 26.94 -22.17
N GLU A 442 -37.06 27.79 -21.43
CA GLU A 442 -37.07 29.21 -21.66
C GLU A 442 -35.72 29.81 -21.35
N VAL A 443 -35.10 29.44 -20.18
CA VAL A 443 -33.80 29.95 -19.82
C VAL A 443 -32.75 29.62 -20.90
N HIS A 444 -32.82 28.41 -21.44
CA HIS A 444 -31.92 27.96 -22.48
C HIS A 444 -32.03 28.82 -23.75
N HIS A 445 -33.27 29.06 -24.21
CA HIS A 445 -33.52 29.85 -25.41
C HIS A 445 -33.06 31.27 -25.21
N LYS A 446 -33.27 31.83 -24.00
CA LYS A 446 -32.82 33.18 -23.74
C LYS A 446 -31.32 33.23 -23.90
N GLN A 447 -30.63 32.30 -23.24
CA GLN A 447 -29.16 32.27 -23.27
C GLN A 447 -28.67 32.12 -24.76
N GLU A 448 -29.27 31.19 -25.47
CA GLU A 448 -28.93 30.93 -26.87
C GLU A 448 -29.14 32.15 -27.79
N SER A 449 -30.09 33.02 -27.48
CA SER A 449 -30.39 34.23 -28.26
C SER A 449 -29.35 35.34 -28.10
N ILE A 450 -28.42 35.23 -27.09
CA ILE A 450 -27.55 36.36 -26.80
C ILE A 450 -26.15 35.99 -27.24
N MET A 451 -25.60 36.70 -28.23
CA MET A 451 -24.29 36.37 -28.79
C MET A 451 -23.25 36.59 -27.71
N ASP A 452 -22.40 35.60 -27.55
CA ASP A 452 -21.27 35.68 -26.64
C ASP A 452 -21.66 35.85 -25.14
N ALA A 453 -22.91 35.53 -24.74
CA ALA A 453 -23.27 35.47 -23.32
C ALA A 453 -22.31 34.56 -22.53
N GLY A 454 -21.96 35.01 -21.32
CA GLY A 454 -21.09 34.25 -20.47
C GLY A 454 -21.87 33.17 -19.74
N PRO A 455 -21.29 32.60 -18.69
CA PRO A 455 -21.97 31.51 -17.99
C PRO A 455 -23.29 31.93 -17.38
N VAL A 456 -24.20 30.99 -17.27
CA VAL A 456 -25.49 31.22 -16.66
C VAL A 456 -25.26 31.06 -15.15
N VAL A 457 -25.71 32.04 -14.38
CA VAL A 457 -25.52 32.05 -12.96
C VAL A 457 -26.71 31.30 -12.38
N VAL A 458 -26.48 30.30 -11.53
CA VAL A 458 -27.57 29.58 -10.85
C VAL A 458 -27.26 29.67 -9.34
N HIS A 459 -28.24 30.09 -8.55
CA HIS A 459 -27.99 30.39 -7.16
C HIS A 459 -29.22 30.44 -6.31
N CYS A 460 -28.92 30.52 -5.02
CA CYS A 460 -29.68 30.82 -3.81
C CYS A 460 -29.30 29.83 -2.71
N SER A 461 -29.84 29.99 -1.46
CA SER A 461 -29.46 29.15 -0.35
C SER A 461 -27.88 28.96 -0.29
N ALA A 462 -27.39 27.71 -0.08
CA ALA A 462 -25.97 27.43 -0.09
C ALA A 462 -25.37 27.24 -1.50
N GLY A 463 -26.22 27.18 -2.53
CA GLY A 463 -25.82 27.00 -3.92
C GLY A 463 -25.29 25.61 -4.29
N ILE A 464 -25.84 24.56 -3.68
CA ILE A 464 -25.35 23.19 -3.93
C ILE A 464 -26.50 22.21 -4.19
N GLY A 465 -27.61 22.35 -3.46
CA GLY A 465 -28.72 21.37 -3.60
C GLY A 465 -29.59 21.57 -4.81
N ARG A 466 -30.51 22.53 -4.69
CA ARG A 466 -31.36 22.91 -5.82
C ARG A 466 -30.50 23.40 -7.01
N THR A 467 -29.43 24.17 -6.70
CA THR A 467 -28.55 24.69 -7.73
C THR A 467 -27.91 23.53 -8.50
N GLY A 468 -27.38 22.54 -7.78
CA GLY A 468 -26.79 21.37 -8.42
C GLY A 468 -27.82 20.61 -9.25
N THR A 469 -29.03 20.46 -8.72
CA THR A 469 -30.12 19.79 -9.41
C THR A 469 -30.54 20.45 -10.69
N PHE A 470 -30.77 21.74 -10.68
CA PHE A 470 -31.07 22.53 -11.89
C PHE A 470 -29.95 22.43 -12.96
N ILE A 471 -28.69 22.60 -12.52
CA ILE A 471 -27.56 22.50 -13.45
C ILE A 471 -27.47 21.10 -14.08
N VAL A 472 -27.54 20.02 -13.28
CA VAL A 472 -27.43 18.69 -13.86
C VAL A 472 -28.55 18.39 -14.86
N ILE A 473 -29.80 18.74 -14.52
CA ILE A 473 -30.91 18.59 -15.44
C ILE A 473 -30.64 19.34 -16.73
N ASP A 474 -30.20 20.59 -16.61
CA ASP A 474 -29.89 21.40 -17.76
C ASP A 474 -28.83 20.78 -18.66
N ILE A 475 -27.73 20.26 -18.06
CA ILE A 475 -26.68 19.54 -18.82
C ILE A 475 -27.27 18.35 -19.57
N LEU A 476 -27.99 17.48 -18.85
CA LEU A 476 -28.53 16.28 -19.47
C LEU A 476 -29.51 16.62 -20.58
N ILE A 477 -30.41 17.56 -20.33
CA ILE A 477 -31.43 17.87 -21.32
C ILE A 477 -30.78 18.56 -22.53
N ASP A 478 -29.67 19.28 -22.37
CA ASP A 478 -28.96 19.83 -23.50
C ASP A 478 -28.33 18.79 -24.45
N ILE A 479 -27.88 17.68 -23.90
CA ILE A 479 -27.36 16.57 -24.73
C ILE A 479 -28.51 16.04 -25.62
N ILE A 480 -29.64 15.82 -25.00
CA ILE A 480 -30.81 15.27 -25.66
C ILE A 480 -31.34 16.24 -26.67
N ARG A 481 -31.40 17.53 -26.32
CA ARG A 481 -31.86 18.54 -27.25
C ARG A 481 -31.04 18.57 -28.56
N GLU A 482 -29.70 18.49 -28.49
CA GLU A 482 -28.88 18.50 -29.70
C GLU A 482 -28.78 17.14 -30.40
N LYS A 483 -28.67 16.03 -29.64
CA LYS A 483 -28.42 14.70 -30.22
C LYS A 483 -29.67 13.84 -30.41
N GLY A 484 -30.81 14.24 -29.89
CA GLY A 484 -32.03 13.46 -29.93
C GLY A 484 -32.08 12.32 -28.92
N VAL A 485 -33.27 11.68 -28.82
CA VAL A 485 -33.50 10.49 -27.99
C VAL A 485 -32.43 9.42 -28.14
N ASP A 486 -31.77 9.33 -29.30
CA ASP A 486 -30.80 8.28 -29.57
C ASP A 486 -29.37 8.78 -29.28
N CYS A 487 -29.05 8.88 -27.99
CA CYS A 487 -27.74 9.36 -27.48
C CYS A 487 -27.54 8.79 -26.09
N ASP A 488 -26.29 8.72 -25.60
CA ASP A 488 -26.05 8.17 -24.27
C ASP A 488 -25.99 9.23 -23.21
N ILE A 489 -26.63 8.93 -22.07
CA ILE A 489 -26.53 9.71 -20.87
C ILE A 489 -26.15 8.80 -19.68
N ASP A 490 -25.42 9.42 -18.71
CA ASP A 490 -24.98 8.75 -17.53
C ASP A 490 -25.15 9.73 -16.35
N VAL A 491 -26.27 9.59 -15.59
CA VAL A 491 -26.69 10.53 -14.56
C VAL A 491 -25.60 10.63 -13.44
N PRO A 492 -25.24 9.52 -12.76
CA PRO A 492 -24.20 9.62 -11.72
C PRO A 492 -22.86 10.08 -12.20
N LYS A 493 -22.43 9.69 -13.42
CA LYS A 493 -21.14 10.16 -13.94
C LYS A 493 -21.17 11.68 -14.15
N THR A 494 -22.28 12.20 -14.64
CA THR A 494 -22.44 13.66 -14.81
C THR A 494 -22.42 14.38 -13.47
N ILE A 495 -23.12 13.90 -12.50
CA ILE A 495 -23.14 14.46 -11.17
C ILE A 495 -21.74 14.45 -10.54
N GLN A 496 -21.00 13.33 -10.66
CA GLN A 496 -19.66 13.26 -10.11
C GLN A 496 -18.75 14.28 -10.77
N MET A 497 -18.88 14.47 -12.08
CA MET A 497 -18.17 15.53 -12.80
C MET A 497 -18.52 16.98 -12.27
N VAL A 498 -19.78 17.25 -11.96
CA VAL A 498 -20.17 18.58 -11.41
C VAL A 498 -19.71 18.75 -9.93
N ARG A 499 -19.81 17.68 -9.11
CA ARG A 499 -19.34 17.62 -7.74
C ARG A 499 -17.82 17.78 -7.59
N SER A 500 -17.05 17.51 -8.68
CA SER A 500 -15.61 17.83 -8.72
C SER A 500 -15.34 19.34 -8.93
N GLN A 501 -16.38 20.12 -9.26
CA GLN A 501 -16.25 21.54 -9.49
C GLN A 501 -16.89 22.39 -8.39
N ARG A 502 -17.81 21.83 -7.60
CA ARG A 502 -18.30 22.52 -6.38
C ARG A 502 -18.83 21.46 -5.45
N SER A 503 -18.57 21.62 -4.16
CA SER A 503 -18.90 20.62 -3.17
C SER A 503 -20.34 20.27 -3.09
N GLY A 504 -20.64 18.98 -3.12
CA GLY A 504 -21.96 18.43 -2.82
C GLY A 504 -23.06 18.86 -3.75
N MET A 505 -22.72 19.17 -5.02
CA MET A 505 -23.71 19.46 -6.02
C MET A 505 -24.67 18.27 -6.15
N VAL A 506 -25.96 18.51 -5.86
CA VAL A 506 -27.03 17.51 -5.72
C VAL A 506 -26.88 16.88 -4.35
N GLN A 507 -27.79 17.24 -3.46
CA GLN A 507 -27.70 16.96 -2.02
C GLN A 507 -28.39 15.66 -1.62
N THR A 508 -29.53 15.34 -2.22
CA THR A 508 -30.37 14.26 -1.71
C THR A 508 -30.77 13.22 -2.75
N GLU A 509 -31.16 12.06 -2.25
CA GLU A 509 -31.72 11.00 -3.10
C GLU A 509 -33.01 11.46 -3.77
N ALA A 510 -33.80 12.31 -3.10
CA ALA A 510 -35.02 12.83 -3.74
C ALA A 510 -34.68 13.71 -4.97
N GLN A 511 -33.62 14.50 -4.89
CA GLN A 511 -33.16 15.30 -6.06
C GLN A 511 -32.60 14.38 -7.11
N TYR A 512 -31.83 13.36 -6.70
CA TYR A 512 -31.28 12.36 -7.63
C TYR A 512 -32.40 11.71 -8.50
N ARG A 513 -33.45 11.25 -7.84
CA ARG A 513 -34.62 10.63 -8.52
C ARG A 513 -35.35 11.66 -9.36
N PHE A 514 -35.47 12.92 -8.86
CA PHE A 514 -36.07 13.99 -9.60
C PHE A 514 -35.33 14.27 -10.91
N ILE A 515 -33.97 14.18 -10.95
CA ILE A 515 -33.20 14.39 -12.19
C ILE A 515 -33.62 13.31 -13.22
N TYR A 516 -33.74 12.03 -12.81
CA TYR A 516 -34.15 10.95 -13.71
C TYR A 516 -35.54 11.22 -14.21
N MET A 517 -36.46 11.62 -13.31
CA MET A 517 -37.83 11.94 -13.69
C MET A 517 -37.93 13.08 -14.67
N ALA A 518 -37.08 14.12 -14.52
CA ALA A 518 -37.08 15.26 -15.42
C ALA A 518 -36.58 14.84 -16.79
N VAL A 519 -35.53 14.01 -16.86
CA VAL A 519 -35.02 13.52 -18.15
C VAL A 519 -36.11 12.66 -18.83
N GLN A 520 -36.74 11.74 -18.06
CA GLN A 520 -37.83 10.90 -18.59
C GLN A 520 -38.95 11.75 -19.18
N HIS A 521 -39.45 12.72 -18.41
CA HIS A 521 -40.55 13.60 -18.84
C HIS A 521 -40.17 14.42 -20.06
N TYR A 522 -38.93 14.87 -20.13
CA TYR A 522 -38.43 15.60 -21.30
C TYR A 522 -38.43 14.70 -22.57
N ILE A 523 -37.95 13.45 -22.43
CA ILE A 523 -37.94 12.46 -23.51
C ILE A 523 -39.37 12.16 -23.97
N GLU A 524 -40.27 11.87 -23.03
CA GLU A 524 -41.69 11.63 -23.34
C GLU A 524 -42.34 12.82 -24.07
N THR A 525 -42.23 14.07 -23.56
CA THR A 525 -42.86 15.21 -24.26
C THR A 525 -42.32 15.42 -25.69
N LEU A 526 -41.07 15.02 -25.94
CA LEU A 526 -40.46 15.14 -27.26
C LEU A 526 -40.94 14.01 -28.23
N GLN A 527 -41.31 12.82 -27.70
CA GLN A 527 -41.99 11.74 -28.43
C GLN A 527 -43.50 12.03 -28.67
N ARG A 528 -44.10 12.88 -27.83
CA ARG A 528 -45.50 13.29 -27.92
C ARG A 528 -45.67 14.31 -29.06
N ARG A 529 -44.69 15.19 -29.26
CA ARG A 529 -44.68 16.15 -30.36
C ARG A 529 -44.46 15.47 -31.72
N SER B 4 5.96 -11.27 2.26
CA SER B 4 6.78 -10.98 3.46
C SER B 4 7.19 -12.34 4.21
N ARG B 5 7.62 -12.32 5.52
CA ARG B 5 7.99 -13.54 6.29
C ARG B 5 7.24 -13.61 7.64
N ARG B 6 5.96 -13.19 7.62
CA ARG B 6 5.17 -13.15 8.83
C ARG B 6 4.76 -14.59 9.26
N TRP B 7 4.87 -15.60 8.36
CA TRP B 7 4.52 -16.97 8.68
C TRP B 7 5.50 -17.61 9.65
N PHE B 8 6.66 -16.99 9.96
CA PHE B 8 7.56 -17.54 10.96
C PHE B 8 7.26 -16.90 12.29
N HIS B 9 6.97 -17.73 13.30
CA HIS B 9 6.60 -17.27 14.63
C HIS B 9 7.75 -17.66 15.57
N PRO B 10 8.62 -16.73 15.96
CA PRO B 10 9.81 -17.12 16.75
C PRO B 10 9.55 -17.60 18.20
N ASN B 11 8.43 -17.17 18.82
CA ASN B 11 8.23 -17.39 20.27
C ASN B 11 7.01 -18.28 20.58
N ILE B 12 6.46 -18.98 19.59
CA ILE B 12 5.23 -19.78 19.77
C ILE B 12 5.64 -21.20 20.21
N THR B 13 4.77 -21.87 21.02
CA THR B 13 4.91 -23.30 21.35
C THR B 13 4.10 -24.12 20.32
N GLY B 14 4.29 -25.43 20.30
CA GLY B 14 3.52 -26.32 19.46
C GLY B 14 2.02 -26.24 19.70
N VAL B 15 1.60 -26.16 20.98
CA VAL B 15 0.17 -26.07 21.32
C VAL B 15 -0.40 -24.76 20.89
N GLU B 16 0.34 -23.67 21.13
CA GLU B 16 -0.08 -22.37 20.62
C GLU B 16 -0.22 -22.39 19.09
N ALA B 17 0.68 -23.10 18.38
CA ALA B 17 0.59 -23.20 16.92
C ALA B 17 -0.67 -23.92 16.48
N GLU B 18 -0.99 -25.07 17.13
CA GLU B 18 -2.27 -25.73 16.86
C GLU B 18 -3.45 -24.82 17.13
N ASN B 19 -3.48 -24.16 18.30
CA ASN B 19 -4.64 -23.32 18.66
C ASN B 19 -4.76 -22.15 17.68
N LEU B 20 -3.62 -21.58 17.23
CA LEU B 20 -3.67 -20.51 16.24
C LEU B 20 -4.24 -20.99 14.90
N LEU B 21 -3.75 -22.12 14.40
CA LEU B 21 -4.25 -22.66 13.14
C LEU B 21 -5.73 -23.07 13.21
N LEU B 22 -6.16 -23.63 14.35
CA LEU B 22 -7.53 -24.12 14.48
C LEU B 22 -8.52 -22.99 14.71
N THR B 23 -8.11 -21.92 15.40
CA THR B 23 -8.98 -20.80 15.67
C THR B 23 -8.88 -19.64 14.67
N ARG B 24 -7.70 -19.33 14.14
CA ARG B 24 -7.53 -18.18 13.23
C ARG B 24 -7.17 -18.56 11.76
N GLY B 25 -6.94 -19.85 11.50
CA GLY B 25 -6.66 -20.36 10.18
C GLY B 25 -7.77 -21.20 9.59
N VAL B 26 -7.56 -21.63 8.37
CA VAL B 26 -8.43 -22.54 7.65
C VAL B 26 -7.55 -23.67 7.08
N ASP B 27 -8.15 -24.67 6.39
CA ASP B 27 -7.37 -25.66 5.65
C ASP B 27 -6.46 -24.98 4.61
N GLY B 28 -5.19 -25.38 4.60
CA GLY B 28 -4.14 -24.69 3.86
C GLY B 28 -3.37 -23.62 4.62
N SER B 29 -3.84 -23.23 5.79
CA SER B 29 -3.09 -22.34 6.67
C SER B 29 -1.81 -23.02 7.20
N PHE B 30 -0.74 -22.24 7.32
CA PHE B 30 0.53 -22.76 7.81
C PHE B 30 1.33 -21.69 8.50
N LEU B 31 2.25 -22.13 9.36
CA LEU B 31 3.26 -21.32 9.98
C LEU B 31 4.53 -22.20 10.20
N ALA B 32 5.64 -21.57 10.44
CA ALA B 32 6.89 -22.21 10.75
C ALA B 32 7.37 -21.62 12.09
N ARG B 33 8.07 -22.38 12.89
CA ARG B 33 8.48 -21.98 14.24
C ARG B 33 9.79 -22.72 14.64
N PRO B 34 10.57 -22.17 15.60
CA PRO B 34 11.70 -22.94 16.14
C PRO B 34 11.18 -24.16 16.86
N SER B 35 11.85 -25.27 16.70
CA SER B 35 11.47 -26.49 17.39
C SER B 35 11.88 -26.31 18.86
N LYS B 36 10.95 -26.58 19.79
CA LYS B 36 11.24 -26.56 21.23
C LYS B 36 11.83 -27.92 21.66
N SER B 37 11.33 -29.03 21.10
CA SER B 37 11.92 -30.35 21.29
C SER B 37 13.45 -30.38 20.99
N ASN B 38 13.91 -30.14 19.74
CA ASN B 38 15.35 -30.12 19.44
C ASN B 38 15.78 -28.71 19.03
N PRO B 39 16.31 -27.90 19.97
CA PRO B 39 16.77 -26.56 19.57
C PRO B 39 17.80 -26.56 18.45
N GLY B 40 17.75 -25.52 17.64
CA GLY B 40 18.47 -25.48 16.39
C GLY B 40 17.73 -26.08 15.22
N ASP B 41 16.62 -26.80 15.44
CA ASP B 41 15.76 -27.30 14.36
C ASP B 41 14.44 -26.47 14.25
N PHE B 42 13.58 -26.79 13.26
CA PHE B 42 12.34 -26.03 13.01
C PHE B 42 11.17 -26.95 12.73
N THR B 43 9.96 -26.40 12.79
CA THR B 43 8.76 -27.15 12.49
C THR B 43 7.84 -26.34 11.57
N LEU B 44 7.31 -27.00 10.55
CA LEU B 44 6.28 -26.48 9.69
C LEU B 44 4.93 -27.07 10.14
N SER B 45 4.05 -26.20 10.62
CA SER B 45 2.76 -26.62 11.14
C SER B 45 1.67 -26.20 10.13
N VAL B 46 0.89 -27.20 9.64
CA VAL B 46 -0.03 -27.02 8.53
C VAL B 46 -1.42 -27.53 8.92
N ARG B 47 -2.45 -26.72 8.69
CA ARG B 47 -3.84 -27.16 8.82
C ARG B 47 -4.30 -27.86 7.55
N ARG B 48 -4.87 -29.07 7.68
CA ARG B 48 -5.48 -29.82 6.59
C ARG B 48 -6.60 -30.72 7.15
N ASN B 49 -7.73 -30.80 6.44
CA ASN B 49 -8.97 -31.49 6.89
C ASN B 49 -9.40 -31.13 8.35
N GLY B 50 -9.27 -29.87 8.75
CA GLY B 50 -9.59 -29.44 10.09
C GLY B 50 -8.68 -29.94 11.20
N ALA B 51 -7.54 -30.58 10.87
CA ALA B 51 -6.54 -30.99 11.87
C ALA B 51 -5.17 -30.35 11.54
N VAL B 52 -4.25 -30.28 12.52
CA VAL B 52 -2.91 -29.74 12.32
C VAL B 52 -1.83 -30.84 12.28
N THR B 53 -1.00 -30.88 11.19
CA THR B 53 0.19 -31.74 11.07
C THR B 53 1.49 -30.89 11.29
N HIS B 54 2.46 -31.48 11.95
CA HIS B 54 3.72 -30.82 12.26
C HIS B 54 4.79 -31.56 11.50
N ILE B 55 5.50 -30.87 10.58
CA ILE B 55 6.55 -31.47 9.77
C ILE B 55 7.89 -30.90 10.21
N LYS B 56 8.84 -31.78 10.51
CA LYS B 56 10.15 -31.35 10.99
C LYS B 56 11.07 -30.86 9.88
N ILE B 57 11.85 -29.86 10.21
CA ILE B 57 12.88 -29.32 9.35
C ILE B 57 14.11 -29.30 10.21
N GLN B 58 15.13 -30.01 9.78
CA GLN B 58 16.40 -30.05 10.51
C GLN B 58 17.44 -29.23 9.78
N ASN B 59 18.30 -28.56 10.53
CA ASN B 59 19.45 -27.91 9.98
C ASN B 59 20.64 -28.20 10.88
N THR B 60 21.51 -29.10 10.47
CA THR B 60 22.75 -29.37 11.20
C THR B 60 23.91 -28.44 10.83
N GLY B 61 23.68 -27.51 9.90
CA GLY B 61 24.72 -26.58 9.50
C GLY B 61 24.90 -26.43 8.01
N ASP B 62 24.38 -27.33 7.22
CA ASP B 62 24.60 -27.36 5.76
C ASP B 62 23.45 -26.96 4.89
N TYR B 63 22.24 -27.16 5.37
CA TYR B 63 21.00 -26.89 4.61
C TYR B 63 19.79 -27.22 5.51
N TYR B 64 18.63 -26.70 5.14
CA TYR B 64 17.37 -27.04 5.79
C TYR B 64 16.85 -28.29 5.13
N ASP B 65 16.62 -29.30 5.91
CA ASP B 65 16.20 -30.59 5.41
C ASP B 65 14.76 -30.84 5.90
N LEU B 66 13.76 -30.67 5.00
CA LEU B 66 12.35 -30.93 5.32
C LEU B 66 12.10 -32.43 5.28
N TYR B 67 11.66 -33.05 6.40
CA TYR B 67 11.45 -34.52 6.44
C TYR B 67 10.33 -34.88 5.45
N GLY B 68 10.62 -35.77 4.49
CA GLY B 68 9.69 -36.10 3.41
C GLY B 68 9.58 -35.09 2.27
N GLY B 69 10.49 -34.13 2.25
CA GLY B 69 10.56 -33.12 1.22
C GLY B 69 12.01 -32.98 0.78
N GLU B 70 12.34 -31.80 0.37
CA GLU B 70 13.61 -31.50 -0.23
C GLU B 70 14.46 -30.65 0.73
N LYS B 71 15.69 -30.34 0.30
CA LYS B 71 16.66 -29.54 1.01
C LYS B 71 16.69 -28.12 0.43
N PHE B 72 16.78 -27.15 1.32
CA PHE B 72 16.61 -25.75 0.96
C PHE B 72 17.68 -24.91 1.59
N ALA B 73 17.99 -23.75 0.97
CA ALA B 73 18.97 -22.83 1.54
C ALA B 73 18.42 -21.89 2.61
N THR B 74 17.12 -21.55 2.56
CA THR B 74 16.45 -20.70 3.57
C THR B 74 15.02 -21.16 3.75
N LEU B 75 14.41 -20.88 4.90
CA LEU B 75 12.98 -21.20 5.07
C LEU B 75 12.12 -20.40 4.09
N ALA B 76 12.52 -19.16 3.75
CA ALA B 76 11.77 -18.37 2.77
C ALA B 76 11.78 -19.03 1.37
N GLU B 77 12.94 -19.58 0.97
CA GLU B 77 13.01 -20.30 -0.29
C GLU B 77 12.21 -21.60 -0.25
N LEU B 78 12.20 -22.30 0.92
CA LEU B 78 11.36 -23.46 1.15
C LEU B 78 9.87 -23.11 0.94
N VAL B 79 9.40 -22.04 1.61
CA VAL B 79 7.99 -21.68 1.55
C VAL B 79 7.66 -21.24 0.13
N GLN B 80 8.49 -20.41 -0.50
CA GLN B 80 8.28 -20.02 -1.90
C GLN B 80 8.13 -21.23 -2.82
N TYR B 81 8.97 -22.26 -2.65
CA TYR B 81 8.96 -23.44 -3.50
C TYR B 81 7.62 -24.19 -3.40
N TYR B 82 7.19 -24.52 -2.18
CA TYR B 82 5.95 -25.26 -1.98
C TYR B 82 4.67 -24.37 -2.21
N MET B 83 4.71 -23.06 -1.97
CA MET B 83 3.60 -22.16 -2.33
C MET B 83 3.46 -21.96 -3.85
N GLU B 84 4.44 -22.41 -4.67
CA GLU B 84 4.32 -22.40 -6.13
C GLU B 84 4.38 -23.82 -6.75
N HIS B 85 4.42 -24.90 -5.93
CA HIS B 85 4.50 -26.31 -6.38
C HIS B 85 3.54 -27.19 -5.52
N HIS B 86 2.22 -27.14 -5.77
CA HIS B 86 1.27 -28.03 -5.08
C HIS B 86 1.41 -29.47 -5.62
N GLY B 87 1.15 -30.45 -4.76
CA GLY B 87 1.49 -31.85 -5.05
C GLY B 87 2.82 -32.29 -4.50
N GLN B 88 3.72 -31.34 -4.24
CA GLN B 88 5.15 -31.60 -4.00
C GLN B 88 5.43 -31.88 -2.53
N LEU B 89 4.67 -31.32 -1.58
CA LEU B 89 4.88 -31.62 -0.17
C LEU B 89 3.97 -32.76 0.29
N LYS B 90 4.53 -33.78 0.99
CA LYS B 90 3.77 -34.95 1.40
C LYS B 90 4.05 -35.36 2.86
N ASN B 93 2.40 -40.27 5.42
CA ASN B 93 1.56 -41.22 4.67
C ASN B 93 1.73 -41.16 3.12
N GLY B 94 2.53 -40.21 2.63
CA GLY B 94 2.61 -39.84 1.21
C GLY B 94 1.47 -38.96 0.73
N ASP B 95 0.56 -38.52 1.66
CA ASP B 95 -0.56 -37.65 1.29
C ASP B 95 -0.07 -36.23 1.03
N VAL B 96 -0.52 -35.63 -0.08
CA VAL B 96 -0.21 -34.25 -0.44
C VAL B 96 -0.73 -33.27 0.63
N ILE B 97 0.12 -32.28 0.92
CA ILE B 97 -0.05 -31.27 1.96
C ILE B 97 0.11 -29.96 1.24
N GLU B 98 -0.90 -29.10 1.33
CA GLU B 98 -0.87 -27.83 0.60
C GLU B 98 -0.57 -26.66 1.53
N LEU B 99 0.40 -25.80 1.14
CA LEU B 99 0.73 -24.60 1.89
C LEU B 99 0.04 -23.50 1.11
N LYS B 100 -1.11 -23.02 1.57
CA LYS B 100 -1.90 -22.03 0.83
C LYS B 100 -1.85 -20.64 1.48
N TYR B 101 -2.03 -20.58 2.82
CA TYR B 101 -2.33 -19.32 3.48
C TYR B 101 -1.39 -19.13 4.62
N PRO B 102 -0.37 -18.26 4.48
CA PRO B 102 0.49 -18.01 5.64
C PRO B 102 -0.30 -17.44 6.80
N LEU B 103 -0.06 -17.93 8.01
CA LEU B 103 -0.75 -17.44 9.20
C LEU B 103 0.22 -16.45 9.81
N ASN B 104 -0.10 -15.15 9.72
CA ASN B 104 0.84 -14.10 10.04
C ASN B 104 1.03 -13.90 11.55
N CYS B 105 2.26 -13.79 11.94
CA CYS B 105 2.71 -13.46 13.28
C CYS B 105 2.45 -11.96 13.53
N ALA B 106 2.04 -11.58 14.74
CA ALA B 106 1.92 -10.18 15.17
C ALA B 106 3.07 -9.73 16.10
N ASP B 107 3.93 -10.69 16.51
CA ASP B 107 5.00 -10.49 17.49
C ASP B 107 6.10 -9.59 16.88
N PRO B 108 6.38 -8.42 17.48
CA PRO B 108 7.37 -7.50 16.91
C PRO B 108 8.84 -7.80 17.24
N THR B 109 9.12 -8.84 18.06
CA THR B 109 10.48 -9.03 18.58
C THR B 109 11.55 -9.23 17.52
N SER B 110 11.23 -9.77 16.35
CA SER B 110 12.25 -10.01 15.29
C SER B 110 12.39 -8.88 14.28
N GLU B 111 11.74 -7.72 14.56
CA GLU B 111 11.80 -6.59 13.69
C GLU B 111 13.03 -5.81 14.07
N ARG B 112 13.71 -5.29 13.06
CA ARG B 112 14.93 -4.49 13.28
C ARG B 112 14.68 -3.24 14.12
N TRP B 113 13.45 -2.66 13.98
CA TRP B 113 13.10 -1.41 14.66
C TRP B 113 12.53 -1.60 16.07
N PHE B 114 12.30 -2.83 16.52
CA PHE B 114 11.72 -3.07 17.83
C PHE B 114 12.75 -3.27 18.98
N HIS B 115 12.80 -2.32 19.94
CA HIS B 115 13.75 -2.35 21.04
C HIS B 115 13.18 -2.82 22.38
N GLY B 116 11.89 -2.99 22.49
CA GLY B 116 11.28 -3.53 23.71
C GLY B 116 11.44 -2.58 24.87
N HIS B 117 12.02 -3.05 25.99
CA HIS B 117 12.27 -2.17 27.13
C HIS B 117 13.41 -1.20 26.79
N LEU B 118 13.13 0.10 26.82
CA LEU B 118 14.10 1.14 26.48
C LEU B 118 13.48 2.48 26.83
N SER B 119 14.14 3.24 27.70
CA SER B 119 13.60 4.52 28.14
C SER B 119 13.76 5.59 27.05
N GLY B 120 13.03 6.68 27.19
CA GLY B 120 13.05 7.80 26.25
C GLY B 120 14.37 8.50 26.18
N LYS B 121 15.13 8.52 27.30
CA LYS B 121 16.42 9.20 27.32
C LYS B 121 17.42 8.27 26.61
N GLU B 122 17.41 6.96 26.92
CA GLU B 122 18.23 5.97 26.20
C GLU B 122 17.95 6.00 24.67
N ALA B 123 16.65 5.99 24.24
CA ALA B 123 16.29 6.08 22.84
C ALA B 123 16.82 7.34 22.20
N GLU B 124 16.77 8.50 22.93
CA GLU B 124 17.31 9.76 22.41
C GLU B 124 18.82 9.69 22.30
N LYS B 125 19.50 9.05 23.25
CA LYS B 125 20.96 8.98 23.23
C LYS B 125 21.40 8.11 22.05
N LEU B 126 20.76 6.94 21.87
CA LEU B 126 21.08 6.03 20.76
C LEU B 126 20.80 6.74 19.42
N LEU B 127 19.62 7.36 19.26
CA LEU B 127 19.32 8.08 18.02
C LEU B 127 20.24 9.26 17.78
N THR B 128 20.69 9.91 18.83
CA THR B 128 21.64 11.02 18.72
C THR B 128 23.01 10.54 18.23
N GLU B 129 23.52 9.45 18.80
CA GLU B 129 24.89 8.98 18.53
C GLU B 129 25.02 8.22 17.22
N LYS B 130 24.04 7.35 16.93
CA LYS B 130 24.09 6.40 15.81
C LYS B 130 23.10 6.74 14.69
N GLY B 131 22.06 7.50 14.98
CA GLY B 131 21.03 7.81 14.01
C GLY B 131 21.39 8.90 13.02
N LYS B 132 20.63 8.96 11.95
CA LYS B 132 20.63 10.04 10.98
C LYS B 132 19.15 10.34 10.64
N HIS B 133 18.88 11.19 9.63
CA HIS B 133 17.52 11.56 9.25
C HIS B 133 16.71 10.30 8.86
N GLY B 134 15.52 10.18 9.42
CA GLY B 134 14.64 9.05 9.20
C GLY B 134 14.93 7.79 9.99
N SER B 135 15.94 7.80 10.86
CA SER B 135 16.18 6.65 11.75
C SER B 135 15.12 6.59 12.80
N PHE B 136 14.59 5.39 13.06
CA PHE B 136 13.51 5.22 14.01
C PHE B 136 13.62 3.92 14.78
N LEU B 137 12.83 3.84 15.84
CA LEU B 137 12.68 2.67 16.70
C LEU B 137 11.31 2.71 17.40
N VAL B 138 10.81 1.55 17.78
CA VAL B 138 9.61 1.41 18.59
C VAL B 138 10.10 0.79 19.91
N ARG B 139 9.62 1.32 21.01
CA ARG B 139 9.95 0.84 22.35
C ARG B 139 8.69 0.77 23.19
N GLU B 140 8.71 -0.08 24.19
CA GLU B 140 7.66 -0.09 25.20
C GLU B 140 7.56 1.24 25.96
N SER B 141 6.34 1.75 26.15
CA SER B 141 6.12 2.94 26.99
C SER B 141 6.28 2.53 28.47
N GLN B 142 6.94 3.39 29.25
CA GLN B 142 7.18 3.19 30.69
C GLN B 142 6.10 3.95 31.52
N SER B 143 5.62 5.10 31.02
CA SER B 143 4.56 5.86 31.67
C SER B 143 3.16 5.21 31.53
N HIS B 144 2.84 4.74 30.33
CA HIS B 144 1.57 4.06 30.05
C HIS B 144 1.87 2.57 29.70
N PRO B 145 1.96 1.65 30.67
CA PRO B 145 2.29 0.25 30.32
C PRO B 145 1.30 -0.42 29.37
N GLY B 146 1.83 -1.25 28.49
CA GLY B 146 1.04 -1.87 27.41
C GLY B 146 1.06 -1.07 26.12
N ASP B 147 1.32 0.24 26.22
CA ASP B 147 1.44 1.09 25.06
C ASP B 147 2.93 1.13 24.60
N PHE B 148 3.18 1.81 23.48
CA PHE B 148 4.50 1.84 22.86
C PHE B 148 4.83 3.28 22.46
N VAL B 149 6.08 3.55 22.13
CA VAL B 149 6.54 4.80 21.59
C VAL B 149 7.32 4.58 20.31
N LEU B 150 6.97 5.29 19.26
CA LEU B 150 7.75 5.37 18.04
C LEU B 150 8.64 6.59 18.25
N SER B 151 9.97 6.40 18.26
CA SER B 151 10.92 7.51 18.33
C SER B 151 11.70 7.66 17.02
N VAL B 152 11.74 8.87 16.45
CA VAL B 152 12.22 9.12 15.10
C VAL B 152 13.13 10.29 15.13
N ARG B 153 14.27 10.19 14.46
CA ARG B 153 15.17 11.30 14.24
C ARG B 153 14.84 11.90 12.88
N THR B 154 14.78 13.23 12.79
CA THR B 154 14.64 13.96 11.53
C THR B 154 15.64 15.11 11.57
N GLY B 155 16.16 15.51 10.41
CA GLY B 155 17.10 16.64 10.37
C GLY B 155 18.00 16.75 9.17
N ASP B 156 19.11 17.52 9.36
CA ASP B 156 20.23 17.69 8.44
C ASP B 156 21.42 16.87 8.97
N ASP B 157 21.93 15.93 8.16
CA ASP B 157 23.03 15.06 8.58
C ASP B 157 24.41 15.73 8.37
N ASN B 162 25.75 18.82 16.99
CA ASN B 162 24.52 18.99 17.76
C ASN B 162 24.17 20.48 17.88
N ASP B 163 23.86 21.11 16.73
CA ASP B 163 23.57 22.55 16.59
C ASP B 163 22.07 22.83 16.27
N GLY B 164 21.19 21.90 16.62
CA GLY B 164 19.75 22.11 16.50
C GLY B 164 19.12 21.84 15.15
N LYS B 165 19.95 21.59 14.12
CA LYS B 165 19.43 21.25 12.79
C LYS B 165 18.77 19.85 12.75
N SER B 166 19.00 18.98 13.76
CA SER B 166 18.28 17.71 13.90
C SER B 166 17.58 17.61 15.27
N LYS B 167 16.59 16.70 15.34
CA LYS B 167 15.77 16.47 16.54
C LYS B 167 15.23 15.03 16.60
N VAL B 168 14.76 14.59 17.77
CA VAL B 168 14.05 13.32 17.97
C VAL B 168 12.60 13.66 18.35
N THR B 169 11.61 13.04 17.68
CA THR B 169 10.20 13.12 18.01
C THR B 169 9.73 11.77 18.54
N HIS B 170 8.88 11.82 19.59
CA HIS B 170 8.32 10.65 20.23
C HIS B 170 6.82 10.65 19.96
N VAL B 171 6.33 9.59 19.34
CA VAL B 171 4.94 9.46 19.01
C VAL B 171 4.38 8.33 19.81
N MET B 172 3.36 8.61 20.60
CA MET B 172 2.72 7.61 21.44
C MET B 172 1.87 6.70 20.58
N ILE B 173 1.99 5.38 20.82
CA ILE B 173 1.23 4.32 20.17
C ILE B 173 0.39 3.68 21.27
N ARG B 174 -0.95 3.82 21.20
CA ARG B 174 -1.83 3.22 22.18
C ARG B 174 -2.16 1.81 21.75
N CYS B 175 -2.24 0.89 22.72
CA CYS B 175 -2.84 -0.41 22.50
C CYS B 175 -4.22 -0.38 23.16
N GLN B 176 -5.24 -0.65 22.34
CA GLN B 176 -6.63 -0.64 22.78
C GLN B 176 -7.24 -1.84 22.16
N GLU B 177 -7.45 -2.90 22.94
CA GLU B 177 -8.16 -4.11 22.52
C GLU B 177 -7.38 -4.89 21.49
N LEU B 178 -6.11 -5.05 21.78
CA LEU B 178 -5.07 -5.60 20.93
C LEU B 178 -5.07 -5.05 19.50
N LYS B 179 -5.42 -3.73 19.37
CA LYS B 179 -5.11 -2.97 18.19
C LYS B 179 -4.32 -1.72 18.54
N TYR B 180 -3.57 -1.20 17.58
CA TYR B 180 -2.59 -0.16 17.81
C TYR B 180 -2.92 1.08 17.00
N ASP B 181 -2.79 2.25 17.60
CA ASP B 181 -3.02 3.51 16.90
C ASP B 181 -2.16 4.65 17.42
N VAL B 182 -2.00 5.70 16.62
CA VAL B 182 -1.24 6.88 17.01
C VAL B 182 -2.14 8.06 17.46
N GLY B 183 -3.29 7.74 18.05
CA GLY B 183 -4.19 8.75 18.62
C GLY B 183 -5.39 9.08 17.76
N GLY B 184 -5.38 8.61 16.53
CA GLY B 184 -6.49 8.80 15.61
C GLY B 184 -6.29 8.00 14.34
N GLY B 185 -7.33 7.91 13.55
CA GLY B 185 -7.30 7.25 12.24
C GLY B 185 -7.49 5.75 12.28
N GLU B 186 -6.64 5.03 11.57
CA GLU B 186 -6.70 3.57 11.49
C GLU B 186 -6.21 2.93 12.79
N ARG B 187 -6.75 1.76 13.08
CA ARG B 187 -6.31 0.95 14.20
C ARG B 187 -5.76 -0.36 13.61
N PHE B 188 -4.55 -0.70 13.99
CA PHE B 188 -3.79 -1.77 13.33
C PHE B 188 -3.75 -3.03 14.16
N ASP B 189 -3.71 -4.18 13.49
CA ASP B 189 -3.73 -5.46 14.19
C ASP B 189 -2.40 -5.81 14.85
N SER B 190 -1.32 -5.10 14.50
CA SER B 190 -0.01 -5.32 15.08
C SER B 190 0.84 -4.06 14.90
N LEU B 191 1.95 -3.94 15.66
CA LEU B 191 2.86 -2.85 15.47
C LEU B 191 3.46 -2.82 14.08
N THR B 192 3.76 -3.99 13.51
CA THR B 192 4.34 -4.04 12.17
C THR B 192 3.45 -3.41 11.14
N ASP B 193 2.15 -3.74 11.17
CA ASP B 193 1.20 -3.15 10.22
C ASP B 193 1.18 -1.61 10.37
N LEU B 194 1.14 -1.13 11.62
CA LEU B 194 1.22 0.29 11.91
C LEU B 194 2.49 0.91 11.33
N VAL B 195 3.66 0.29 11.57
CA VAL B 195 4.93 0.85 11.15
C VAL B 195 4.98 0.87 9.64
N GLU B 196 4.56 -0.22 8.99
CA GLU B 196 4.48 -0.28 7.54
C GLU B 196 3.59 0.80 6.95
N HIS B 197 2.40 1.02 7.57
CA HIS B 197 1.49 2.09 7.14
C HIS B 197 2.17 3.44 7.22
N TYR B 198 2.77 3.78 8.40
CA TYR B 198 3.35 5.11 8.55
C TYR B 198 4.71 5.22 7.85
N LYS B 199 5.31 4.10 7.36
CA LYS B 199 6.40 4.13 6.39
C LYS B 199 5.89 4.62 5.01
N LYS B 200 4.79 4.07 4.52
CA LYS B 200 4.27 4.45 3.21
C LYS B 200 3.63 5.83 3.28
N ASN B 201 2.97 6.16 4.42
CA ASN B 201 2.13 7.32 4.58
C ASN B 201 2.64 8.09 5.81
N PRO B 202 3.81 8.75 5.73
CA PRO B 202 4.39 9.33 6.94
C PRO B 202 3.51 10.38 7.63
N MET B 203 3.53 10.36 8.96
CA MET B 203 2.93 11.39 9.79
C MET B 203 3.54 12.75 9.46
N VAL B 204 2.70 13.80 9.46
CA VAL B 204 3.15 15.18 9.28
C VAL B 204 2.76 15.97 10.51
N GLU B 205 3.70 16.72 11.03
CA GLU B 205 3.49 17.59 12.17
C GLU B 205 2.72 18.86 11.70
N THR B 206 2.01 19.56 12.62
CA THR B 206 1.21 20.74 12.24
C THR B 206 2.05 21.73 11.40
N LEU B 207 3.27 22.05 11.89
CA LEU B 207 4.19 22.97 11.24
C LEU B 207 5.05 22.38 10.12
N GLY B 208 4.76 21.15 9.71
CA GLY B 208 5.18 20.66 8.40
C GLY B 208 6.22 19.56 8.37
N THR B 209 6.93 19.29 9.49
CA THR B 209 7.94 18.23 9.49
C THR B 209 7.30 16.89 9.19
N VAL B 210 7.94 16.13 8.29
CA VAL B 210 7.50 14.81 7.88
C VAL B 210 8.30 13.84 8.69
N LEU B 211 7.62 12.99 9.44
CA LEU B 211 8.28 12.00 10.28
C LEU B 211 8.49 10.78 9.42
N GLN B 212 9.47 10.90 8.50
CA GLN B 212 9.87 9.84 7.59
C GLN B 212 10.51 8.72 8.37
N LEU B 213 9.98 7.51 8.20
CA LEU B 213 10.56 6.29 8.74
C LEU B 213 11.38 5.60 7.64
N LYS B 214 12.63 6.01 7.54
CA LYS B 214 13.52 5.65 6.45
C LYS B 214 14.28 4.36 6.78
N GLN B 215 14.99 4.31 7.91
CA GLN B 215 15.70 3.10 8.30
C GLN B 215 15.66 2.84 9.80
N PRO B 216 15.61 1.57 10.24
CA PRO B 216 15.77 1.29 11.67
C PRO B 216 17.09 1.79 12.20
N LEU B 217 17.14 2.04 13.51
CA LEU B 217 18.38 2.44 14.15
C LEU B 217 19.30 1.24 14.17
N ASN B 218 20.56 1.46 13.78
CA ASN B 218 21.52 0.38 13.76
C ASN B 218 22.02 0.18 15.17
N THR B 219 21.79 -1.02 15.74
CA THR B 219 22.28 -1.37 17.06
C THR B 219 23.35 -2.48 17.04
N THR B 220 23.82 -2.90 15.84
CA THR B 220 24.70 -4.08 15.74
C THR B 220 26.12 -3.67 15.35
N ARG B 221 26.31 -2.54 14.67
CA ARG B 221 27.64 -2.00 14.40
C ARG B 221 28.35 -1.69 15.74
N ILE B 222 29.52 -2.29 15.97
CA ILE B 222 30.32 -2.10 17.16
C ILE B 222 31.73 -1.77 16.75
N ASN B 223 32.46 -1.12 17.66
CA ASN B 223 33.89 -0.99 17.53
C ASN B 223 34.49 -2.33 17.86
N ALA B 224 35.45 -2.81 17.08
CA ALA B 224 36.04 -4.13 17.28
C ALA B 224 36.67 -4.28 18.68
N ALA B 225 37.22 -3.20 19.24
CA ALA B 225 37.78 -3.23 20.59
C ALA B 225 36.74 -3.62 21.67
N GLU B 226 35.47 -3.37 21.42
CA GLU B 226 34.41 -3.65 22.37
C GLU B 226 33.61 -4.92 22.05
N ILE B 227 34.25 -5.89 21.31
CA ILE B 227 33.67 -7.19 20.95
C ILE B 227 33.36 -8.00 22.19
N GLU B 228 34.31 -8.12 23.12
CA GLU B 228 34.16 -8.93 24.32
C GLU B 228 32.93 -8.49 25.12
N SER B 229 32.69 -7.15 25.20
CA SER B 229 31.55 -6.61 25.94
C SER B 229 30.26 -6.99 25.26
N ARG B 230 30.21 -6.89 23.90
CA ARG B 230 29.01 -7.21 23.14
C ARG B 230 28.69 -8.68 23.27
N VAL B 231 29.71 -9.55 23.20
CA VAL B 231 29.54 -10.99 23.31
C VAL B 231 29.01 -11.33 24.70
N ARG B 232 29.52 -10.67 25.74
CA ARG B 232 29.03 -10.80 27.12
C ARG B 232 27.54 -10.48 27.21
N GLU B 233 27.13 -9.30 26.67
CA GLU B 233 25.73 -8.85 26.51
C GLU B 233 24.87 -9.92 25.84
N LEU B 234 25.32 -10.37 24.66
CA LEU B 234 24.62 -11.34 23.82
C LEU B 234 24.54 -12.73 24.42
N SER B 235 25.52 -13.12 25.28
CA SER B 235 25.53 -14.42 25.93
C SER B 235 24.65 -14.45 27.21
N LYS B 236 24.12 -13.31 27.69
CA LYS B 236 23.46 -13.26 29.01
C LYS B 236 22.09 -13.96 28.97
N GLN B 246 17.90 -15.51 25.08
CA GLN B 246 19.10 -14.66 25.20
C GLN B 246 19.41 -13.81 23.89
N GLY B 247 20.48 -13.00 23.93
CA GLY B 247 20.65 -11.92 22.95
C GLY B 247 21.15 -12.39 21.59
N PHE B 248 21.97 -13.43 21.57
CA PHE B 248 22.44 -14.05 20.34
C PHE B 248 21.25 -14.59 19.54
N TRP B 249 20.33 -15.30 20.21
CA TRP B 249 19.14 -15.81 19.53
C TRP B 249 18.31 -14.70 18.88
N GLU B 250 17.99 -13.61 19.62
CA GLU B 250 17.13 -12.56 19.07
C GLU B 250 17.82 -11.83 17.95
N GLU B 251 19.15 -11.64 18.06
CA GLU B 251 19.87 -10.94 17.00
C GLU B 251 19.85 -11.79 15.70
N PHE B 252 20.11 -13.08 15.86
CA PHE B 252 20.04 -14.02 14.76
C PHE B 252 18.64 -14.09 14.13
N GLU B 253 17.57 -14.21 14.96
CA GLU B 253 16.23 -14.26 14.35
C GLU B 253 15.82 -12.95 13.69
N THR B 254 16.33 -11.79 14.17
CA THR B 254 16.09 -10.51 13.47
C THR B 254 16.77 -10.54 12.10
N LEU B 255 17.95 -11.14 12.00
CA LEU B 255 18.62 -11.34 10.72
C LEU B 255 17.79 -12.28 9.81
N GLN B 256 17.37 -13.43 10.35
CA GLN B 256 16.60 -14.40 9.57
C GLN B 256 15.30 -13.78 8.97
N GLN B 257 14.62 -12.94 9.77
CA GLN B 257 13.45 -12.24 9.26
C GLN B 257 13.64 -11.49 7.95
N GLN B 258 14.84 -10.98 7.68
CA GLN B 258 15.09 -10.22 6.46
C GLN B 258 15.48 -11.07 5.25
N GLU B 259 15.51 -12.40 5.38
CA GLU B 259 15.90 -13.24 4.23
C GLU B 259 14.82 -13.19 3.13
N CYS B 260 13.57 -12.75 3.45
CA CYS B 260 12.53 -12.57 2.43
C CYS B 260 12.87 -11.45 1.48
N LYS B 261 13.80 -10.53 1.83
CA LYS B 261 14.28 -9.54 0.87
C LYS B 261 15.24 -10.12 -0.20
N LEU B 262 15.63 -11.40 -0.08
CA LEU B 262 16.70 -11.95 -0.91
C LEU B 262 16.22 -13.08 -1.78
N LEU B 263 14.91 -13.05 -2.18
CA LEU B 263 14.38 -14.04 -3.08
C LEU B 263 14.68 -13.71 -4.53
N TYR B 264 15.95 -13.53 -4.84
CA TYR B 264 16.40 -13.26 -6.20
C TYR B 264 16.28 -14.48 -7.10
N SER B 265 16.15 -14.25 -8.42
CA SER B 265 15.93 -15.34 -9.35
C SER B 265 17.14 -16.28 -9.45
N ARG B 266 16.85 -17.54 -9.60
CA ARG B 266 17.75 -18.66 -9.78
C ARG B 266 17.29 -19.43 -11.05
N LYS B 267 16.91 -18.73 -12.17
CA LYS B 267 16.41 -19.39 -13.36
C LYS B 267 17.40 -20.27 -14.09
N GLU B 268 18.69 -19.84 -14.18
CA GLU B 268 19.66 -20.66 -14.88
C GLU B 268 19.83 -22.03 -14.22
N GLY B 269 19.96 -22.06 -12.91
CA GLY B 269 20.05 -23.32 -12.18
C GLY B 269 18.85 -24.24 -12.29
N GLN B 270 17.71 -23.70 -12.59
CA GLN B 270 16.45 -24.43 -12.76
C GLN B 270 16.28 -25.00 -14.18
N ARG B 271 17.15 -24.66 -15.15
CA ARG B 271 17.01 -25.20 -16.51
C ARG B 271 17.21 -26.65 -16.54
N GLN B 272 16.44 -27.37 -17.42
CA GLN B 272 16.58 -28.84 -17.50
C GLN B 272 18.02 -29.28 -17.67
N GLU B 273 18.76 -28.58 -18.51
CA GLU B 273 20.14 -28.93 -18.86
C GLU B 273 21.10 -28.81 -17.67
N ASN B 274 20.70 -28.06 -16.63
CA ASN B 274 21.54 -27.77 -15.47
C ASN B 274 21.10 -28.51 -14.22
N LYS B 275 19.96 -29.21 -14.24
CA LYS B 275 19.41 -29.78 -13.01
C LYS B 275 20.39 -30.75 -12.38
N ASN B 276 21.05 -31.61 -13.17
CA ASN B 276 21.95 -32.60 -12.57
C ASN B 276 23.37 -32.03 -12.30
N LYS B 277 23.58 -30.70 -12.51
CA LYS B 277 24.81 -30.01 -12.12
C LYS B 277 24.73 -29.44 -10.66
N ASN B 278 23.62 -29.68 -9.97
CA ASN B 278 23.36 -29.19 -8.61
C ASN B 278 23.38 -30.38 -7.69
N ARG B 279 24.09 -30.28 -6.59
CA ARG B 279 24.09 -31.30 -5.57
C ARG B 279 22.71 -31.46 -4.96
N TYR B 280 21.99 -30.32 -4.76
CA TYR B 280 20.62 -30.31 -4.25
C TYR B 280 19.76 -29.49 -5.21
N LYS B 281 18.66 -30.06 -5.77
CA LYS B 281 17.91 -29.44 -6.88
C LYS B 281 17.44 -28.02 -6.59
N ASN B 282 17.12 -27.71 -5.34
CA ASN B 282 16.61 -26.40 -4.94
C ASN B 282 17.60 -25.50 -4.27
N ILE B 283 18.88 -25.92 -4.12
CA ILE B 283 19.94 -25.01 -3.61
C ILE B 283 20.73 -24.55 -4.85
N LEU B 284 20.49 -23.32 -5.27
CA LEU B 284 20.86 -22.83 -6.57
C LEU B 284 21.50 -21.45 -6.47
N PRO B 285 22.38 -21.14 -7.43
CA PRO B 285 23.04 -19.83 -7.43
C PRO B 285 22.10 -18.75 -7.98
N PHE B 286 22.09 -17.56 -7.35
CA PHE B 286 21.43 -16.41 -7.94
C PHE B 286 21.98 -16.11 -9.35
N ASP B 287 21.06 -15.79 -10.28
CA ASP B 287 21.48 -15.46 -11.65
C ASP B 287 22.44 -14.28 -11.70
N HIS B 288 22.20 -13.27 -10.89
CA HIS B 288 22.91 -12.00 -10.97
C HIS B 288 24.34 -12.08 -10.43
N THR B 289 24.70 -13.14 -9.71
CA THR B 289 26.07 -13.30 -9.19
C THR B 289 26.72 -14.67 -9.55
N ARG B 290 26.01 -15.57 -10.23
CA ARG B 290 26.56 -16.88 -10.61
C ARG B 290 27.81 -16.71 -11.43
N VAL B 291 28.70 -17.68 -11.33
CA VAL B 291 29.88 -17.70 -12.14
C VAL B 291 29.45 -18.22 -13.52
N VAL B 292 29.66 -17.44 -14.56
CA VAL B 292 29.33 -17.84 -15.94
C VAL B 292 30.56 -18.41 -16.61
N LEU B 293 30.50 -19.62 -17.12
CA LEU B 293 31.64 -20.26 -17.74
C LEU B 293 31.63 -20.00 -19.25
N HIS B 294 32.72 -19.49 -19.77
CA HIS B 294 32.88 -19.12 -21.18
C HIS B 294 33.74 -20.20 -21.86
N ASP B 295 33.79 -20.16 -23.17
CA ASP B 295 34.72 -21.00 -23.94
C ASP B 295 34.50 -22.50 -23.70
N GLY B 296 33.25 -22.90 -23.56
CA GLY B 296 32.90 -24.31 -23.43
C GLY B 296 32.90 -25.03 -24.76
N ASP B 297 32.67 -26.33 -24.73
CA ASP B 297 32.48 -27.14 -25.94
C ASP B 297 31.28 -26.54 -26.74
N PRO B 298 31.47 -26.04 -28.00
CA PRO B 298 30.32 -25.50 -28.75
C PRO B 298 29.24 -26.55 -29.02
N ASN B 299 29.58 -27.86 -28.93
CA ASN B 299 28.63 -28.96 -29.16
C ASN B 299 27.88 -29.31 -27.87
N VAL B 302 24.08 -26.35 -23.32
CA VAL B 302 24.43 -25.49 -22.18
C VAL B 302 25.78 -25.88 -21.57
N SER B 303 26.78 -24.99 -21.67
CA SER B 303 28.13 -25.21 -21.11
C SER B 303 28.58 -24.06 -20.20
N ASP B 304 27.69 -23.10 -19.87
CA ASP B 304 28.03 -21.90 -19.10
C ASP B 304 27.73 -21.99 -17.58
N TYR B 305 27.23 -23.12 -17.11
CA TYR B 305 26.66 -23.22 -15.78
C TYR B 305 27.53 -24.02 -14.84
N ILE B 306 27.74 -23.45 -13.64
CA ILE B 306 28.23 -24.11 -12.48
C ILE B 306 27.46 -23.54 -11.25
N ASN B 307 27.19 -24.41 -10.28
CA ASN B 307 26.57 -23.96 -9.04
C ASN B 307 27.64 -23.28 -8.14
N ALA B 308 27.81 -21.96 -8.39
CA ALA B 308 28.82 -21.13 -7.77
C ALA B 308 28.43 -19.67 -7.90
N ASN B 309 28.79 -18.89 -6.93
CA ASN B 309 28.59 -17.45 -6.99
C ASN B 309 29.82 -16.68 -6.60
N ILE B 310 30.03 -15.54 -7.28
CA ILE B 310 30.99 -14.56 -6.83
C ILE B 310 30.48 -13.84 -5.60
N ILE B 311 31.32 -13.75 -4.59
CA ILE B 311 31.06 -13.00 -3.39
C ILE B 311 32.08 -11.86 -3.31
N MET B 312 31.59 -10.64 -3.43
CA MET B 312 32.36 -9.41 -3.50
C MET B 312 31.92 -8.64 -2.26
N PRO B 313 32.76 -8.54 -1.24
CA PRO B 313 32.39 -7.75 -0.07
C PRO B 313 32.10 -6.29 -0.49
N GLU B 314 30.92 -5.72 -0.17
CA GLU B 314 30.70 -4.27 -0.36
C GLU B 314 30.25 -3.66 0.95
N PHE B 315 30.71 -2.44 1.18
CA PHE B 315 30.47 -1.71 2.41
C PHE B 315 30.13 -0.27 2.02
N LYS B 325 39.60 -5.45 -1.77
CA LYS B 325 40.33 -6.15 -2.82
C LYS B 325 39.96 -7.62 -2.91
N LYS B 326 39.92 -8.36 -1.77
CA LYS B 326 39.81 -9.86 -1.88
C LYS B 326 38.36 -10.27 -2.20
N SER B 327 38.14 -11.12 -3.19
CA SER B 327 36.80 -11.68 -3.42
C SER B 327 36.85 -13.23 -3.32
N TYR B 328 35.66 -13.85 -3.33
CA TYR B 328 35.53 -15.29 -3.16
C TYR B 328 34.61 -15.83 -4.25
N ILE B 329 34.73 -17.10 -4.49
CA ILE B 329 33.70 -17.89 -5.14
C ILE B 329 33.22 -18.89 -4.11
N ALA B 330 31.95 -18.84 -3.78
CA ALA B 330 31.32 -19.82 -2.92
C ALA B 330 30.64 -20.84 -3.79
N THR B 331 30.97 -22.11 -3.58
CA THR B 331 30.45 -23.16 -4.41
C THR B 331 30.25 -24.42 -3.60
N GLN B 332 29.57 -25.35 -4.22
CA GLN B 332 29.27 -26.68 -3.67
C GLN B 332 30.45 -27.63 -3.82
N GLY B 333 30.45 -28.75 -3.08
CA GLY B 333 31.35 -29.86 -3.40
C GLY B 333 31.06 -30.39 -4.81
N CYS B 334 32.06 -30.91 -5.53
CA CYS B 334 31.83 -31.42 -6.90
C CYS B 334 30.86 -32.63 -6.92
N LEU B 335 30.15 -32.74 -8.02
CA LEU B 335 29.61 -33.99 -8.45
C LEU B 335 30.56 -34.52 -9.46
N GLN B 336 30.51 -35.83 -9.68
CA GLN B 336 31.37 -36.48 -10.67
C GLN B 336 31.23 -35.80 -12.04
N ASN B 337 30.02 -35.39 -12.40
CA ASN B 337 29.77 -34.74 -13.70
C ASN B 337 30.00 -33.23 -13.69
N THR B 338 30.49 -32.65 -12.57
CA THR B 338 30.87 -31.23 -12.57
C THR B 338 32.34 -31.00 -12.27
N VAL B 339 33.14 -32.05 -12.09
CA VAL B 339 34.59 -31.87 -11.82
C VAL B 339 35.26 -31.05 -12.96
N ASN B 340 34.97 -31.39 -14.22
CA ASN B 340 35.57 -30.64 -15.36
C ASN B 340 35.18 -29.19 -15.32
N ASP B 341 33.91 -28.90 -15.00
CA ASP B 341 33.44 -27.53 -14.91
C ASP B 341 34.09 -26.78 -13.76
N PHE B 342 34.32 -27.47 -12.63
CA PHE B 342 35.02 -26.84 -11.53
C PHE B 342 36.43 -26.37 -11.95
N TRP B 343 37.19 -27.23 -12.65
CA TRP B 343 38.52 -26.81 -13.10
C TRP B 343 38.43 -25.70 -14.14
N ARG B 344 37.44 -25.76 -15.07
CA ARG B 344 37.22 -24.65 -16.01
C ARG B 344 37.04 -23.31 -15.25
N MET B 345 36.26 -23.34 -14.16
CA MET B 345 36.00 -22.19 -13.33
C MET B 345 37.28 -21.67 -12.68
N VAL B 346 38.05 -22.54 -12.02
CA VAL B 346 39.32 -22.12 -11.36
C VAL B 346 40.24 -21.48 -12.40
N PHE B 347 40.37 -22.10 -13.54
CA PHE B 347 41.22 -21.58 -14.62
C PHE B 347 40.76 -20.19 -15.10
N GLN B 348 39.50 -20.08 -15.49
CA GLN B 348 38.91 -18.87 -16.09
C GLN B 348 38.99 -17.67 -15.14
N GLU B 349 38.69 -17.92 -13.89
CA GLU B 349 38.71 -16.87 -12.88
C GLU B 349 40.07 -16.56 -12.31
N ASN B 350 41.11 -17.29 -12.72
CA ASN B 350 42.44 -17.10 -12.20
C ASN B 350 42.58 -17.38 -10.71
N SER B 351 41.71 -18.25 -10.13
CA SER B 351 41.81 -18.55 -8.72
C SER B 351 43.15 -19.36 -8.51
N ARG B 352 43.83 -18.99 -7.46
CA ARG B 352 45.09 -19.60 -6.99
C ARG B 352 45.02 -20.20 -5.60
N VAL B 353 43.87 -20.13 -4.94
CA VAL B 353 43.67 -20.63 -3.60
C VAL B 353 42.27 -21.24 -3.52
N ILE B 354 42.20 -22.50 -3.03
CA ILE B 354 40.94 -23.19 -2.76
C ILE B 354 40.91 -23.54 -1.26
N VAL B 355 39.79 -23.30 -0.63
CA VAL B 355 39.43 -23.69 0.73
C VAL B 355 38.33 -24.74 0.61
N MET B 356 38.61 -25.98 1.05
CA MET B 356 37.65 -27.09 1.15
C MET B 356 37.30 -27.20 2.64
N THR B 357 36.01 -27.17 2.99
CA THR B 357 35.53 -26.96 4.38
C THR B 357 35.12 -28.28 5.08
N THR B 358 35.08 -29.38 4.37
CA THR B 358 34.61 -30.66 4.89
C THR B 358 35.66 -31.70 4.59
N LYS B 359 35.67 -32.83 5.32
CA LYS B 359 36.36 -34.04 4.82
C LYS B 359 35.66 -34.52 3.52
N GLU B 360 36.30 -35.39 2.76
CA GLU B 360 35.60 -36.04 1.62
C GLU B 360 34.36 -36.85 2.12
N VAL B 361 34.55 -37.59 3.25
CA VAL B 361 33.44 -38.29 3.91
C VAL B 361 33.30 -37.86 5.37
N GLU B 362 32.04 -37.66 5.83
CA GLU B 362 31.69 -37.34 7.23
C GLU B 362 30.37 -38.05 7.60
N ARG B 363 30.30 -38.66 8.81
CA ARG B 363 29.13 -39.47 9.23
C ARG B 363 28.74 -40.54 8.14
N GLY B 364 29.76 -41.14 7.50
CA GLY B 364 29.61 -42.15 6.46
C GLY B 364 29.03 -41.68 5.13
N LYS B 365 28.80 -40.37 4.97
CA LYS B 365 28.23 -39.83 3.74
C LYS B 365 29.28 -38.97 3.00
N SER B 366 29.25 -39.02 1.68
CA SER B 366 30.12 -38.20 0.85
C SER B 366 29.66 -36.70 0.91
N LYS B 367 30.58 -35.76 1.29
CA LYS B 367 30.33 -34.31 1.42
C LYS B 367 31.27 -33.44 0.52
N CYS B 368 32.32 -34.05 -0.02
CA CYS B 368 33.21 -33.38 -0.99
C CYS B 368 34.00 -34.43 -1.81
N VAL B 369 33.43 -34.83 -3.00
CA VAL B 369 34.09 -35.86 -3.82
C VAL B 369 35.49 -35.34 -4.25
N LYS B 370 36.45 -36.26 -4.28
CA LYS B 370 37.83 -35.99 -4.67
C LYS B 370 37.86 -35.56 -6.13
N TYR B 371 38.46 -34.41 -6.40
CA TYR B 371 38.56 -33.83 -7.77
C TYR B 371 40.00 -33.49 -8.15
N TRP B 372 40.97 -33.98 -7.40
CA TRP B 372 42.37 -33.66 -7.57
C TRP B 372 43.13 -34.99 -7.64
N PRO B 373 44.31 -35.00 -8.27
CA PRO B 373 45.04 -36.28 -8.34
C PRO B 373 45.69 -36.65 -7.02
N ASP B 374 46.00 -37.91 -6.86
CA ASP B 374 46.89 -38.34 -5.74
C ASP B 374 48.21 -37.62 -5.76
N GLU B 375 48.88 -37.51 -4.60
CA GLU B 375 50.19 -36.87 -4.54
C GLU B 375 51.20 -37.41 -5.58
N TYR B 376 51.89 -36.52 -6.26
CA TYR B 376 52.83 -36.73 -7.34
C TYR B 376 52.20 -37.12 -8.71
N ALA B 377 50.91 -37.38 -8.80
CA ALA B 377 50.23 -37.87 -9.99
C ALA B 377 49.68 -36.66 -10.83
N LEU B 378 49.37 -36.93 -12.08
CA LEU B 378 48.87 -35.98 -13.06
C LEU B 378 47.60 -36.61 -13.65
N LYS B 379 46.52 -35.80 -13.74
CA LYS B 379 45.27 -36.24 -14.35
C LYS B 379 44.77 -35.13 -15.26
N GLU B 380 44.05 -35.51 -16.32
CA GLU B 380 43.35 -34.56 -17.13
C GLU B 380 41.87 -34.61 -16.75
N TYR B 381 41.26 -33.46 -16.67
CA TYR B 381 39.86 -33.23 -16.36
C TYR B 381 39.34 -32.43 -17.53
N GLY B 382 38.84 -33.13 -18.56
CA GLY B 382 38.53 -32.51 -19.85
C GLY B 382 39.74 -31.78 -20.43
N VAL B 383 39.58 -30.50 -20.73
CA VAL B 383 40.64 -29.69 -21.31
C VAL B 383 41.71 -29.24 -20.30
N MET B 384 41.53 -29.51 -18.97
CA MET B 384 42.41 -29.04 -17.92
C MET B 384 43.30 -30.19 -17.43
N ARG B 385 44.48 -29.88 -17.07
CA ARG B 385 45.49 -30.81 -16.57
C ARG B 385 45.87 -30.37 -15.18
N VAL B 386 45.89 -31.31 -14.21
CA VAL B 386 46.27 -30.97 -12.85
C VAL B 386 47.38 -31.93 -12.40
N ARG B 387 48.50 -31.39 -11.94
CA ARG B 387 49.51 -32.16 -11.24
C ARG B 387 49.40 -31.85 -9.73
N ASN B 388 49.40 -32.87 -8.89
CA ASN B 388 49.59 -32.71 -7.44
C ASN B 388 51.09 -32.81 -7.10
N VAL B 389 51.71 -31.63 -6.92
CA VAL B 389 53.12 -31.48 -6.74
C VAL B 389 53.55 -32.02 -5.41
N LYS B 390 52.81 -31.72 -4.36
CA LYS B 390 53.21 -31.99 -2.98
C LYS B 390 52.06 -31.74 -2.04
N GLU B 391 51.87 -32.66 -1.07
CA GLU B 391 50.97 -32.50 0.04
C GLU B 391 51.76 -32.28 1.32
N SER B 392 51.21 -31.43 2.19
CA SER B 392 51.84 -31.05 3.45
C SER B 392 50.74 -31.14 4.48
N ALA B 393 50.90 -31.99 5.50
CA ALA B 393 49.88 -32.14 6.53
C ALA B 393 50.19 -31.27 7.71
N ALA B 394 49.17 -30.56 8.18
CA ALA B 394 49.14 -29.86 9.46
C ALA B 394 48.06 -30.54 10.28
N HIS B 395 47.90 -30.25 11.59
CA HIS B 395 46.88 -30.92 12.39
C HIS B 395 45.45 -30.61 11.86
N ASP B 396 45.18 -29.37 11.54
CA ASP B 396 43.81 -28.94 11.20
C ASP B 396 43.52 -29.01 9.70
N TYR B 397 44.50 -29.16 8.88
CA TYR B 397 44.34 -29.11 7.44
C TYR B 397 45.48 -29.79 6.70
N THR B 398 45.22 -30.13 5.48
CA THR B 398 46.19 -30.54 4.50
C THR B 398 46.27 -29.53 3.38
N LEU B 399 47.47 -29.19 3.02
CA LEU B 399 47.73 -28.31 1.90
C LEU B 399 48.19 -29.19 0.71
N ARG B 400 47.58 -28.98 -0.44
CA ARG B 400 48.01 -29.64 -1.68
C ARG B 400 48.40 -28.54 -2.67
N GLU B 401 49.65 -28.61 -3.13
CA GLU B 401 50.18 -27.70 -4.09
C GLU B 401 49.90 -28.32 -5.45
N LEU B 402 48.97 -27.71 -6.21
CA LEU B 402 48.49 -28.27 -7.47
C LEU B 402 49.00 -27.36 -8.59
N LYS B 403 49.28 -27.91 -9.75
CA LYS B 403 49.60 -27.11 -10.93
C LYS B 403 48.55 -27.39 -11.96
N LEU B 404 47.85 -26.35 -12.36
CA LEU B 404 46.72 -26.38 -13.27
C LEU B 404 47.17 -25.73 -14.59
N SER B 405 46.84 -26.37 -15.69
CA SER B 405 47.12 -25.81 -17.02
C SER B 405 46.10 -26.35 -18.02
N LYS B 406 46.07 -25.73 -19.20
CA LYS B 406 45.22 -26.19 -20.28
C LYS B 406 46.03 -27.17 -21.07
N VAL B 407 45.41 -28.27 -21.37
CA VAL B 407 46.00 -29.27 -22.23
C VAL B 407 46.35 -28.59 -23.62
N GLY B 408 47.53 -28.85 -24.12
CA GLY B 408 48.02 -28.28 -25.37
C GLY B 408 48.70 -26.93 -25.21
N GLN B 409 48.69 -26.34 -24.01
CA GLN B 409 49.16 -24.95 -23.82
C GLN B 409 50.00 -24.86 -22.57
N GLY B 410 51.26 -25.27 -22.69
CA GLY B 410 52.18 -25.33 -21.57
C GLY B 410 52.29 -24.03 -20.79
N ASN B 411 52.30 -22.89 -21.57
CA ASN B 411 52.38 -21.53 -21.07
C ASN B 411 51.23 -21.11 -20.18
N THR B 412 50.22 -21.93 -19.97
CA THR B 412 49.06 -21.56 -19.14
C THR B 412 49.18 -22.02 -17.71
N GLU B 413 50.26 -22.73 -17.32
CA GLU B 413 50.34 -23.33 -16.02
C GLU B 413 50.35 -22.27 -14.93
N ARG B 414 49.63 -22.55 -13.82
CA ARG B 414 49.71 -21.78 -12.59
C ARG B 414 49.51 -22.71 -11.40
N THR B 415 50.08 -22.31 -10.26
CA THR B 415 49.93 -23.08 -9.05
C THR B 415 48.64 -22.69 -8.40
N VAL B 416 47.88 -23.69 -7.99
CA VAL B 416 46.68 -23.53 -7.19
C VAL B 416 46.92 -24.22 -5.83
N TRP B 417 46.80 -23.47 -4.75
CA TRP B 417 47.11 -23.97 -3.41
C TRP B 417 45.78 -24.37 -2.75
N GLN B 418 45.62 -25.65 -2.47
CA GLN B 418 44.37 -26.17 -1.92
C GLN B 418 44.50 -26.47 -0.46
N TYR B 419 43.75 -25.77 0.32
CA TYR B 419 43.73 -25.83 1.74
C TYR B 419 42.53 -26.64 2.17
N HIS B 420 42.77 -27.83 2.63
CA HIS B 420 41.69 -28.76 2.99
C HIS B 420 41.52 -28.85 4.50
N PHE B 421 40.57 -28.11 5.06
CA PHE B 421 40.25 -28.12 6.51
C PHE B 421 39.65 -29.47 6.97
N ARG B 422 40.25 -30.11 7.96
CA ARG B 422 39.94 -31.52 8.29
C ARG B 422 39.28 -31.66 9.66
N THR B 423 39.22 -30.62 10.49
CA THR B 423 38.79 -30.83 11.88
C THR B 423 37.51 -30.18 12.23
N TRP B 424 36.70 -29.75 11.28
CA TRP B 424 35.39 -29.19 11.58
C TRP B 424 34.55 -30.38 12.14
N PRO B 425 33.90 -30.22 13.28
CA PRO B 425 33.17 -31.37 13.84
C PRO B 425 31.99 -31.83 12.96
N ASP B 426 31.64 -33.11 13.12
CA ASP B 426 30.53 -33.68 12.33
C ASP B 426 29.21 -33.05 12.70
N HIS B 427 29.05 -32.65 14.01
CA HIS B 427 27.90 -31.93 14.55
C HIS B 427 28.27 -30.50 14.96
N GLY B 428 27.52 -29.45 14.57
CA GLY B 428 27.75 -28.14 15.19
C GLY B 428 28.97 -27.43 14.64
N VAL B 429 29.66 -26.69 15.49
CA VAL B 429 30.79 -25.86 15.07
C VAL B 429 31.98 -26.15 15.95
N PRO B 430 33.19 -25.78 15.54
CA PRO B 430 34.35 -26.00 16.43
C PRO B 430 34.17 -25.36 17.80
N SER B 431 34.58 -26.09 18.88
CA SER B 431 34.43 -25.52 20.22
C SER B 431 35.42 -24.38 20.46
N ASP B 432 36.54 -24.35 19.76
CA ASP B 432 37.49 -23.27 19.82
C ASP B 432 37.76 -22.74 18.38
N PRO B 433 37.72 -21.40 18.16
CA PRO B 433 37.96 -20.88 16.80
C PRO B 433 39.41 -20.75 16.35
N GLY B 434 40.36 -21.10 17.21
CA GLY B 434 41.78 -21.02 16.93
C GLY B 434 42.25 -21.68 15.68
N GLY B 435 41.82 -22.92 15.47
CA GLY B 435 42.17 -23.68 14.28
C GLY B 435 41.67 -23.01 13.02
N VAL B 436 40.39 -22.61 13.00
CA VAL B 436 39.81 -21.88 11.88
C VAL B 436 40.64 -20.58 11.62
N LEU B 437 40.92 -19.82 12.67
CA LEU B 437 41.59 -18.54 12.53
C LEU B 437 43.03 -18.66 12.03
N ASP B 438 43.82 -19.61 12.59
CA ASP B 438 45.18 -19.88 12.11
C ASP B 438 45.19 -20.31 10.66
N PHE B 439 44.20 -21.12 10.28
CA PHE B 439 44.06 -21.60 8.91
C PHE B 439 43.77 -20.42 7.97
N LEU B 440 42.77 -19.62 8.27
CA LEU B 440 42.44 -18.40 7.49
C LEU B 440 43.61 -17.43 7.43
N GLU B 441 44.37 -17.29 8.48
CA GLU B 441 45.58 -16.45 8.45
C GLU B 441 46.58 -16.91 7.42
N GLU B 442 46.85 -18.24 7.35
CA GLU B 442 47.74 -18.80 6.39
C GLU B 442 47.20 -18.64 4.98
N VAL B 443 45.87 -18.95 4.79
CA VAL B 443 45.24 -18.81 3.50
C VAL B 443 45.35 -17.37 2.98
N HIS B 444 45.14 -16.41 3.89
CA HIS B 444 45.23 -14.99 3.55
C HIS B 444 46.62 -14.59 3.05
N HIS B 445 47.66 -15.01 3.79
CA HIS B 445 49.04 -14.69 3.41
C HIS B 445 49.41 -15.35 2.09
N LYS B 446 48.92 -16.57 1.85
CA LYS B 446 49.17 -17.21 0.59
C LYS B 446 48.59 -16.40 -0.53
N GLN B 447 47.33 -16.04 -0.39
CA GLN B 447 46.62 -15.26 -1.42
C GLN B 447 47.36 -13.90 -1.66
N GLU B 448 47.70 -13.23 -0.58
CA GLU B 448 48.38 -11.95 -0.64
C GLU B 448 49.77 -12.04 -1.31
N SER B 449 50.46 -13.18 -1.24
CA SER B 449 51.77 -13.39 -1.87
C SER B 449 51.72 -13.58 -3.41
N ILE B 450 50.53 -13.69 -3.98
CA ILE B 450 50.43 -14.09 -5.41
C ILE B 450 49.86 -12.88 -6.16
N MET B 451 50.65 -12.21 -7.00
CA MET B 451 50.23 -11.00 -7.69
C MET B 451 49.09 -11.34 -8.61
N ASP B 452 48.04 -10.56 -8.54
CA ASP B 452 46.90 -10.71 -9.43
C ASP B 452 46.16 -12.07 -9.29
N ALA B 453 46.31 -12.79 -8.16
CA ALA B 453 45.43 -13.95 -7.89
C ALA B 453 43.92 -13.53 -7.96
N GLY B 454 43.11 -14.34 -8.61
CA GLY B 454 41.69 -14.16 -8.67
C GLY B 454 41.02 -14.51 -7.35
N PRO B 455 39.69 -14.69 -7.36
CA PRO B 455 38.98 -14.95 -6.10
C PRO B 455 39.37 -16.28 -5.48
N VAL B 456 39.27 -16.33 -4.19
CA VAL B 456 39.55 -17.53 -3.43
C VAL B 456 38.26 -18.38 -3.49
N VAL B 457 38.42 -19.64 -3.88
CA VAL B 457 37.31 -20.57 -4.00
C VAL B 457 37.08 -21.21 -2.64
N VAL B 458 35.85 -21.23 -2.16
CA VAL B 458 35.50 -21.78 -0.88
C VAL B 458 34.34 -22.73 -1.13
N HIS B 459 34.50 -24.00 -0.70
CA HIS B 459 33.51 -24.99 -1.03
C HIS B 459 33.44 -26.09 0.02
N CYS B 460 32.27 -26.67 0.08
CA CYS B 460 31.64 -27.49 1.19
C CYS B 460 30.40 -28.02 0.62
N SER B 461 29.98 -29.27 0.95
CA SER B 461 28.66 -29.85 0.68
C SER B 461 27.76 -28.97 -0.24
N ALA B 462 26.80 -28.19 0.27
CA ALA B 462 25.99 -27.31 -0.57
C ALA B 462 26.61 -25.94 -0.85
N GLY B 463 27.73 -25.62 -0.19
CA GLY B 463 28.44 -24.36 -0.33
C GLY B 463 27.75 -23.13 0.25
N ILE B 464 27.05 -23.29 1.36
CA ILE B 464 26.31 -22.16 1.97
C ILE B 464 26.55 -22.07 3.48
N GLY B 465 26.63 -23.21 4.18
CA GLY B 465 26.76 -23.17 5.64
C GLY B 465 28.16 -22.88 6.16
N ARG B 466 28.99 -23.91 6.16
CA ARG B 466 30.41 -23.76 6.52
C ARG B 466 31.08 -22.76 5.57
N THR B 467 30.72 -22.83 4.27
CA THR B 467 31.32 -21.93 3.27
C THR B 467 30.99 -20.47 3.61
N GLY B 468 29.73 -20.21 3.91
CA GLY B 468 29.32 -18.86 4.32
C GLY B 468 30.02 -18.42 5.61
N THR B 469 30.14 -19.31 6.55
CA THR B 469 30.82 -19.05 7.84
C THR B 469 32.29 -18.70 7.68
N PHE B 470 33.04 -19.51 6.94
CA PHE B 470 34.46 -19.21 6.63
C PHE B 470 34.60 -17.84 5.92
N ILE B 471 33.79 -17.60 4.90
CA ILE B 471 33.87 -16.34 4.16
C ILE B 471 33.59 -15.13 5.08
N VAL B 472 32.50 -15.16 5.88
CA VAL B 472 32.18 -14.02 6.74
C VAL B 472 33.30 -13.74 7.75
N ILE B 473 33.83 -14.80 8.41
CA ILE B 473 34.94 -14.64 9.30
C ILE B 473 36.13 -14.00 8.61
N ASP B 474 36.48 -14.51 7.42
CA ASP B 474 37.54 -13.96 6.65
C ASP B 474 37.35 -12.47 6.33
N ILE B 475 36.15 -12.07 5.90
CA ILE B 475 35.82 -10.65 5.66
C ILE B 475 36.06 -9.81 6.89
N LEU B 476 35.54 -10.26 8.00
CA LEU B 476 35.59 -9.52 9.24
C LEU B 476 37.00 -9.39 9.77
N ILE B 477 37.75 -10.47 9.80
CA ILE B 477 39.13 -10.45 10.23
C ILE B 477 40.01 -9.60 9.31
N ASP B 478 39.78 -9.62 8.02
CA ASP B 478 40.48 -8.76 7.10
C ASP B 478 40.33 -7.25 7.39
N ILE B 479 39.14 -6.77 7.78
CA ILE B 479 38.92 -5.38 8.21
C ILE B 479 39.86 -5.09 9.42
N ILE B 480 39.85 -6.00 10.41
CA ILE B 480 40.58 -5.81 11.63
C ILE B 480 42.05 -5.89 11.36
N ARG B 481 42.52 -6.82 10.53
CA ARG B 481 43.95 -6.98 10.26
C ARG B 481 44.51 -5.66 9.63
N GLU B 482 43.77 -5.05 8.71
CA GLU B 482 44.17 -3.85 8.00
C GLU B 482 44.05 -2.59 8.92
N LYS B 483 42.84 -2.37 9.54
CA LYS B 483 42.47 -1.16 10.29
C LYS B 483 42.75 -1.21 11.79
N GLY B 484 43.07 -2.38 12.31
CA GLY B 484 43.38 -2.55 13.71
C GLY B 484 42.14 -2.67 14.57
N VAL B 485 42.41 -3.03 15.83
CA VAL B 485 41.47 -3.17 16.94
C VAL B 485 40.39 -2.04 16.96
N ASP B 486 40.76 -0.82 16.50
CA ASP B 486 39.93 0.39 16.52
C ASP B 486 39.29 0.65 15.14
N CYS B 487 38.28 -0.18 14.77
CA CYS B 487 37.51 -0.13 13.49
C CYS B 487 36.07 -0.61 13.76
N ASP B 488 35.10 -0.24 12.91
CA ASP B 488 33.72 -0.70 13.08
C ASP B 488 33.45 -1.99 12.33
N ILE B 489 32.83 -2.95 13.01
CA ILE B 489 32.31 -4.14 12.40
C ILE B 489 30.82 -4.34 12.74
N ASP B 490 30.10 -4.93 11.78
CA ASP B 490 28.68 -5.18 11.92
C ASP B 490 28.41 -6.59 11.34
N VAL B 491 28.31 -7.60 12.23
CA VAL B 491 28.24 -9.01 11.86
C VAL B 491 26.97 -9.30 11.01
N PRO B 492 25.74 -9.01 11.52
CA PRO B 492 24.55 -9.27 10.70
C PRO B 492 24.49 -8.47 9.41
N LYS B 493 24.98 -7.21 9.39
CA LYS B 493 24.94 -6.44 8.14
C LYS B 493 25.87 -7.09 7.09
N THR B 494 27.04 -7.57 7.55
CA THR B 494 27.96 -8.29 6.65
C THR B 494 27.34 -9.57 6.10
N ILE B 495 26.72 -10.35 6.95
CA ILE B 495 26.06 -11.57 6.55
C ILE B 495 24.95 -11.30 5.56
N GLN B 496 24.13 -10.27 5.80
CA GLN B 496 23.03 -9.93 4.87
C GLN B 496 23.59 -9.52 3.51
N MET B 497 24.69 -8.77 3.47
CA MET B 497 25.39 -8.45 2.25
C MET B 497 25.91 -9.75 1.48
N VAL B 498 26.40 -10.74 2.21
CA VAL B 498 26.89 -12.00 1.54
C VAL B 498 25.68 -12.90 1.08
N ARG B 499 24.62 -12.96 1.88
CA ARG B 499 23.39 -13.64 1.57
C ARG B 499 22.62 -13.05 0.36
N SER B 500 22.89 -11.77 0.00
CA SER B 500 22.40 -11.19 -1.25
C SER B 500 23.19 -11.68 -2.50
N GLN B 501 24.30 -12.38 -2.29
CA GLN B 501 25.13 -12.88 -3.37
C GLN B 501 25.09 -14.40 -3.51
N ARG B 502 24.68 -15.13 -2.45
CA ARG B 502 24.36 -16.57 -2.61
C ARG B 502 23.41 -16.95 -1.51
N SER B 503 22.46 -17.78 -1.80
CA SER B 503 21.39 -18.12 -0.88
C SER B 503 21.84 -18.74 0.40
N GLY B 504 21.37 -18.19 1.51
CA GLY B 504 21.50 -18.79 2.83
C GLY B 504 22.90 -18.91 3.36
N MET B 505 23.79 -18.02 2.92
CA MET B 505 25.16 -17.99 3.42
C MET B 505 25.12 -17.76 4.94
N VAL B 506 25.64 -18.74 5.70
CA VAL B 506 25.56 -18.87 7.15
C VAL B 506 24.17 -19.45 7.48
N GLN B 507 24.15 -20.71 7.87
CA GLN B 507 22.93 -21.50 7.97
C GLN B 507 22.32 -21.47 9.38
N THR B 508 23.14 -21.48 10.43
CA THR B 508 22.63 -21.72 11.78
C THR B 508 23.04 -20.66 12.82
N GLU B 509 22.28 -20.62 13.89
CA GLU B 509 22.63 -19.77 15.04
C GLU B 509 23.95 -20.18 15.64
N ALA B 510 24.28 -21.49 15.63
CA ALA B 510 25.58 -21.94 16.12
C ALA B 510 26.76 -21.34 15.30
N GLN B 511 26.60 -21.26 13.98
CA GLN B 511 27.61 -20.64 13.12
C GLN B 511 27.63 -19.14 13.35
N TYR B 512 26.46 -18.52 13.49
CA TYR B 512 26.36 -17.08 13.81
C TYR B 512 27.19 -16.70 15.09
N ARG B 513 26.98 -17.47 16.16
CA ARG B 513 27.72 -17.27 17.45
C ARG B 513 29.19 -17.58 17.26
N PHE B 514 29.51 -18.63 16.46
CA PHE B 514 30.89 -18.97 16.16
C PHE B 514 31.62 -17.81 15.44
N ILE B 515 30.95 -17.07 14.53
CA ILE B 515 31.57 -15.92 13.84
C ILE B 515 31.97 -14.86 14.92
N TYR B 516 31.08 -14.57 15.87
CA TYR B 516 31.39 -13.59 16.95
C TYR B 516 32.54 -14.08 17.75
N MET B 517 32.53 -15.38 18.14
CA MET B 517 33.62 -15.98 18.90
C MET B 517 34.96 -15.96 18.20
N ALA B 518 34.98 -16.18 16.90
CA ALA B 518 36.20 -16.09 16.15
C ALA B 518 36.70 -14.65 16.07
N VAL B 519 35.83 -13.67 15.86
CA VAL B 519 36.28 -12.27 15.83
C VAL B 519 36.88 -11.91 17.24
N GLN B 520 36.19 -12.34 18.31
CA GLN B 520 36.63 -12.09 19.67
C GLN B 520 38.01 -12.67 19.93
N HIS B 521 38.19 -13.96 19.59
CA HIS B 521 39.46 -14.65 19.76
C HIS B 521 40.56 -14.02 18.95
N TYR B 522 40.27 -13.57 17.74
CA TYR B 522 41.25 -12.90 16.90
C TYR B 522 41.75 -11.60 17.58
N ILE B 523 40.86 -10.85 18.16
CA ILE B 523 41.17 -9.59 18.86
C ILE B 523 42.01 -9.95 20.10
N GLU B 524 41.54 -10.95 20.91
CA GLU B 524 42.25 -11.42 22.11
C GLU B 524 43.67 -11.84 21.75
N THR B 525 43.84 -12.60 20.67
CA THR B 525 45.17 -13.03 20.23
C THR B 525 46.08 -11.87 19.87
N LEU B 526 45.54 -10.80 19.30
CA LEU B 526 46.32 -9.62 18.95
C LEU B 526 46.73 -8.92 20.26
N GLN B 527 45.79 -8.73 21.20
CA GLN B 527 46.08 -8.04 22.45
C GLN B 527 47.07 -8.85 23.34
N ARG B 528 47.11 -10.19 23.22
CA ARG B 528 48.12 -11.03 23.90
C ARG B 528 49.52 -10.85 23.30
N ARG B 529 49.63 -10.70 21.98
CA ARG B 529 50.92 -10.46 21.33
C ARG B 529 51.49 -9.09 21.75
N LEU B 530 50.62 -8.09 21.92
CA LEU B 530 51.06 -6.76 22.29
C LEU B 530 51.49 -6.77 23.76
N GLU B 531 50.71 -7.41 24.64
CA GLU B 531 51.14 -7.59 26.05
C GLU B 531 52.48 -8.36 26.13
N HIS B 532 52.64 -9.42 25.32
CA HIS B 532 53.87 -10.22 25.27
C HIS B 532 55.08 -9.39 24.80
N HIS B 533 54.84 -8.37 23.94
CA HIS B 533 55.86 -7.39 23.56
C HIS B 533 56.20 -6.46 24.73
C2 A1H4T C . -23.79 -1.42 -7.49
C3 A1H4T C . -24.92 -0.43 -7.78
C5 A1H4T C . -25.57 -1.94 -9.73
C6 A1H4T C . -24.22 -2.46 -10.19
C7 A1H4T C . -23.25 -1.29 -9.94
C8 A1H4T C . -22.67 -1.30 -8.51
C10 A1H4T C . -23.58 1.22 -10.11
C11 A1H4T C . -22.43 1.48 -10.86
C13 A1H4T C . -22.43 3.70 -10.28
C14 A1H4T C . -22.06 5.07 -10.19
C15 A1H4T C . -22.99 5.67 -9.37
C19 A1H4T C . -20.96 5.82 -10.82
C21 A1H4T C . -19.88 6.61 -12.84
C22 A1H4T C . -18.92 7.24 -12.09
C23 A1H4T C . -18.98 7.20 -10.71
C25 A1H4T C . -19.98 6.49 -10.08
N1 A1H4T C . -23.25 -1.20 -6.12
C4 A1H4T C . -25.29 -0.49 -9.26
N9 A1H4T C . -24.13 -0.10 -10.08
N12 A1H4T C . -21.83 2.68 -10.96
N16 A1H4T C . -23.91 4.74 -8.99
C17 A1H4T C . -23.57 3.53 -9.53
C18 A1H4T C . -24.18 2.29 -9.44
C20 A1H4T C . -20.89 5.90 -12.21
CL24 A1H4T C . -17.75 7.99 -9.79
CL26 A1H4T C . -20.02 6.44 -8.36
H30 A1H4T C . -24.16 -2.33 -7.53
H35 A1H4T C . -24.63 0.48 -7.55
H34 A1H4T C . -25.70 -0.65 -7.24
H37 A1H4T C . -26.22 -1.94 -10.46
H36 A1H4T C . -25.92 -2.47 -8.99
H38 A1H4T C . -23.96 -3.25 -9.68
H39 A1H4T C . -24.24 -2.68 -11.14
H32 A1H4T C . -22.52 -1.27 -10.60
H41 A1H4T C . -22.05 -2.06 -8.42
H40 A1H4T C . -22.17 -0.47 -8.36
H42 A1H4T C . -22.03 0.75 -11.33
H43 A1H4T C . -23.02 6.59 -9.13
H46 A1H4T C . -19.85 6.65 -13.80
H47 A1H4T C . -18.22 7.73 -12.53
H29 A1H4T C . -23.88 -1.40 -5.49
H27 A1H4T C . -22.51 -1.74 -5.98
H31 A1H4T C . -26.05 0.11 -9.45
H33 A1H4T C . -24.60 4.89 -8.46
H44 A1H4T C . -24.95 2.16 -8.91
H45 A1H4T C . -21.56 5.46 -12.74
H28 A1H4T C . -22.99 -0.33 -6.01
C2 A1H4T D . 15.73 -6.28 18.04
C3 A1H4T D . 16.13 -5.03 17.27
C5 A1H4T D . 17.61 -4.32 19.23
C6 A1H4T D . 18.08 -5.70 19.76
C7 A1H4T D . 18.20 -6.56 18.49
C8 A1H4T D . 16.90 -7.28 18.15
C10 A1H4T D . 18.89 -5.88 16.14
C11 A1H4T D . 18.98 -4.89 15.18
C13 A1H4T D . 19.68 -6.40 13.58
C14 A1H4T D . 20.09 -6.95 12.38
C15 A1H4T D . 20.30 -8.28 12.58
C19 A1H4T D . 20.39 -6.33 11.07
C21 A1H4T D . 21.78 -4.82 9.81
C22 A1H4T D . 21.12 -5.16 8.65
C23 A1H4T D . 20.09 -6.09 8.70
C25 A1H4T D . 19.74 -6.67 9.90
N1 A1H4T D . 14.55 -6.93 17.37
C4 A1H4T D . 17.49 -4.51 17.71
N9 A1H4T D . 18.49 -5.55 17.46
N12 A1H4T D . 19.32 -5.11 13.88
N16 A1H4T D . 20.01 -8.55 13.88
C17 A1H4T D . 19.66 -7.40 14.51
C18 A1H4T D . 19.25 -7.17 15.81
C20 A1H4T D . 21.43 -5.40 11.00
CL24 A1H4T D . 19.26 -6.50 7.23
CL26 A1H4T D . 18.45 -7.80 9.96
H30 A1H4T D . 15.46 -6.02 18.95
H35 A1H4T D . 15.45 -4.33 17.42
H34 A1H4T D . 16.15 -5.23 16.31
H37 A1H4T D . 18.27 -3.62 19.44
H36 A1H4T D . 16.75 -4.06 19.62
H38 A1H4T D . 17.42 -6.07 20.38
H39 A1H4T D . 18.94 -5.62 20.22
H32 A1H4T D . 18.94 -7.20 18.56
H41 A1H4T D . 17.00 -7.74 17.29
H40 A1H4T D . 16.70 -7.94 18.84
H42 A1H4T D . 18.75 -4.01 15.42
H43 A1H4T D . 20.60 -8.92 11.96
H46 A1H4T D . 22.50 -4.18 9.77
H47 A1H4T D . 21.35 -4.75 7.82
H29 A1H4T D . 14.78 -7.19 16.52
H27 A1H4T D . 14.31 -7.68 17.84
H31 A1H4T D . 17.72 -3.68 17.23
H33 A1H4T D . 20.06 -9.35 14.27
H44 A1H4T D . 19.20 -7.88 16.45
H45 A1H4T D . 21.91 -5.17 11.79
H28 A1H4T D . 13.85 -6.36 17.34
#